data_3TZX
#
_entry.id   3TZX
#
_cell.length_a   106.560
_cell.length_b   106.560
_cell.length_c   258.610
_cell.angle_alpha   90.00
_cell.angle_beta   90.00
_cell.angle_gamma   90.00
#
_symmetry.space_group_name_H-M   'P 41 21 2'
#
loop_
_entity.id
_entity.type
_entity.pdbx_description
1 polymer 'Polyketide synthase PKS13'
2 polymer '12-mer peptide'
3 non-polymer GLYCEROL
4 non-polymer 'SULFATE ION'
5 water water
#
loop_
_entity_poly.entity_id
_entity_poly.type
_entity_poly.pdbx_seq_one_letter_code
_entity_poly.pdbx_strand_id
1 'polypeptide(L)'
;GSHMRFDEFGNIITDSAVAEEPEPELPGVTEEALRLKEAALEELAAQEVTAPLVPLAVSAFLTSRKKAAAAELADWMQSP
EGQASSLESIGRSLSRRNHGRSRAVVLAHDHDEAIKGLRAVAAGKQAPNVFSVDGPVTTGPVWVLAGFGAQHRKMGKSLY
LRNEVFAAWIEKVDALVQDELGYSVLELILDDAQDYGIETTQVTIFAIQIALGELLRHHGAKPAAVIGQSLGEAASAYFA
GGLSLRDATRAICSRSHLMGEGEAMLFGEYIRLMALVEYSADEIREVFSDFPDLEVCVYAAPTQTVIGGPPEQVDAILAR
AEAEGKFARKFATKGASHTSQMDPLLGELTAELQGIKPTSPTCGIFSTVHEGRYIKPGGEPIHDVEYWKKGLRHSVYFTH
GIRNAVDSGHTTFLELAPNPVALMQVALTTADAGLHDAQLIPTLARKQDEVSSMVSTMAQLYVYGHDLDIRTLFSRASGP
QDYANIPPTRF
;
A,B
2 'polypeptide(L)' SDKENFWGMAVA C,D
#
loop_
_chem_comp.id
_chem_comp.type
_chem_comp.name
_chem_comp.formula
GOL non-polymer GLYCEROL 'C3 H8 O3'
SO4 non-polymer 'SULFATE ION' 'O4 S -2'
#
# COMPACT_ATOMS: atom_id res chain seq x y z
N PRO A 24 39.80 5.35 -36.46
CA PRO A 24 39.91 3.98 -35.94
C PRO A 24 38.59 3.20 -36.13
N GLU A 25 38.55 2.39 -37.19
CA GLU A 25 37.33 1.69 -37.70
C GLU A 25 36.56 0.91 -36.63
N LEU A 26 35.31 1.29 -36.36
CA LEU A 26 34.51 0.65 -35.29
C LEU A 26 33.60 -0.48 -35.82
N PRO A 27 33.46 -1.59 -35.06
CA PRO A 27 32.66 -2.72 -35.59
C PRO A 27 31.26 -2.27 -35.97
N GLY A 28 30.72 -2.75 -37.10
CA GLY A 28 29.33 -2.47 -37.47
C GLY A 28 28.30 -3.27 -36.68
N VAL A 29 27.02 -3.04 -36.91
CA VAL A 29 25.99 -3.93 -36.35
C VAL A 29 26.20 -5.39 -36.78
N THR A 30 26.17 -6.33 -35.84
CA THR A 30 26.43 -7.74 -36.17
C THR A 30 25.30 -8.35 -37.02
N GLU A 31 25.71 -9.41 -37.72
CA GLU A 31 24.81 -10.29 -38.48
C GLU A 31 23.61 -10.69 -37.65
N GLU A 32 23.91 -11.26 -36.47
CA GLU A 32 22.87 -11.76 -35.58
C GLU A 32 21.99 -10.64 -35.15
N ALA A 33 22.58 -9.45 -34.92
CA ALA A 33 21.72 -8.35 -34.53
C ALA A 33 20.79 -8.02 -35.68
N LEU A 34 21.31 -7.97 -36.90
CA LEU A 34 20.44 -7.74 -38.11
C LEU A 34 19.29 -8.74 -38.28
N ARG A 35 19.60 -10.00 -38.01
CA ARG A 35 18.67 -11.13 -38.11
C ARG A 35 17.57 -10.93 -37.08
N LEU A 36 18.00 -10.71 -35.84
CA LEU A 36 17.09 -10.47 -34.69
C LEU A 36 16.16 -9.26 -34.96
N LYS A 37 16.74 -8.22 -35.59
CA LYS A 37 15.99 -6.98 -35.86
C LYS A 37 14.83 -7.26 -36.83
N GLU A 38 15.22 -7.93 -37.92
CA GLU A 38 14.27 -8.35 -38.94
C GLU A 38 13.13 -9.13 -38.35
N ALA A 39 13.48 -10.15 -37.60
CA ALA A 39 12.44 -10.88 -36.87
C ALA A 39 11.56 -9.97 -36.01
N ALA A 40 12.20 -9.07 -35.25
CA ALA A 40 11.37 -8.25 -34.34
C ALA A 40 10.54 -7.28 -35.11
N LEU A 41 11.09 -6.73 -36.19
CA LEU A 41 10.24 -5.86 -37.03
C LEU A 41 9.04 -6.65 -37.60
N GLU A 42 9.29 -7.90 -38.01
CA GLU A 42 8.22 -8.71 -38.60
C GLU A 42 7.11 -8.83 -37.59
N GLU A 43 7.48 -9.03 -36.32
CA GLU A 43 6.48 -9.30 -35.28
C GLU A 43 5.77 -8.03 -34.87
N LEU A 44 6.51 -6.92 -34.91
CA LEU A 44 5.92 -5.59 -34.60
C LEU A 44 4.85 -5.29 -35.66
N ALA A 45 5.23 -5.47 -36.94
CA ALA A 45 4.35 -5.22 -38.08
C ALA A 45 3.09 -6.05 -38.04
N ALA A 46 3.07 -7.11 -37.24
CA ALA A 46 1.86 -7.93 -37.13
C ALA A 46 1.00 -7.60 -35.90
N GLN A 47 1.49 -6.84 -34.92
CA GLN A 47 0.59 -6.46 -33.81
C GLN A 47 -0.46 -5.41 -34.30
N GLU A 48 -1.61 -5.30 -33.63
CA GLU A 48 -2.66 -4.29 -33.95
C GLU A 48 -2.08 -2.90 -33.69
N VAL A 49 -2.04 -1.99 -34.67
CA VAL A 49 -1.48 -0.65 -34.39
C VAL A 49 -2.36 0.10 -33.39
N THR A 50 -1.74 0.63 -32.34
CA THR A 50 -2.44 1.48 -31.35
C THR A 50 -2.21 2.98 -31.62
N ALA A 51 -3.24 3.78 -31.36
CA ALA A 51 -3.22 5.22 -31.64
C ALA A 51 -2.11 5.84 -30.79
N PRO A 52 -1.21 6.62 -31.41
CA PRO A 52 -0.10 7.19 -30.65
C PRO A 52 -0.55 8.23 -29.65
N LEU A 53 0.29 8.54 -28.68
CA LEU A 53 -0.01 9.59 -27.75
C LEU A 53 0.43 10.94 -28.35
N VAL A 54 -0.48 11.89 -28.45
CA VAL A 54 -0.17 13.18 -29.15
C VAL A 54 -0.13 14.23 -28.04
N PRO A 55 0.89 15.05 -28.02
CA PRO A 55 0.80 16.10 -27.01
C PRO A 55 0.20 17.47 -27.57
N LEU A 56 -0.86 18.01 -26.97
CA LEU A 56 -1.48 19.27 -27.43
C LEU A 56 -1.05 20.43 -26.48
N ALA A 57 -0.07 21.23 -26.90
CA ALA A 57 0.38 22.41 -26.13
C ALA A 57 -0.52 23.66 -26.26
N VAL A 58 -0.86 24.28 -25.12
CA VAL A 58 -1.59 25.53 -25.10
C VAL A 58 -0.89 26.47 -24.11
N SER A 59 -0.64 27.71 -24.51
CA SER A 59 0.09 28.66 -23.65
C SER A 59 -0.30 30.13 -23.85
N ALA A 60 0.18 31.02 -22.98
CA ALA A 60 -0.12 32.47 -22.97
C ALA A 60 0.78 33.06 -21.92
N PHE A 61 1.06 34.36 -22.02
CA PHE A 61 1.53 35.14 -20.85
C PHE A 61 0.66 34.95 -19.61
N LEU A 62 -0.65 34.85 -19.73
CA LEU A 62 -1.48 34.78 -18.53
C LEU A 62 -2.26 33.51 -18.40
N THR A 63 -2.28 32.99 -17.20
CA THR A 63 -3.00 31.78 -16.92
C THR A 63 -4.44 31.92 -17.34
N SER A 64 -5.05 33.08 -17.08
CA SER A 64 -6.47 33.33 -17.43
C SER A 64 -6.75 33.15 -18.95
N ARG A 65 -5.81 33.67 -19.74
CA ARG A 65 -5.85 33.58 -21.19
C ARG A 65 -5.50 32.13 -21.70
N LYS A 66 -4.64 31.40 -20.96
CA LYS A 66 -4.28 30.03 -21.27
C LYS A 66 -5.53 29.18 -21.16
N LYS A 67 -6.28 29.33 -20.08
CA LYS A 67 -7.56 28.66 -19.95
C LYS A 67 -8.59 29.00 -21.07
N ALA A 68 -8.53 30.23 -21.59
CA ALA A 68 -9.51 30.65 -22.58
C ALA A 68 -9.21 29.91 -23.87
N ALA A 69 -7.95 30.01 -24.27
CA ALA A 69 -7.50 29.33 -25.47
C ALA A 69 -7.82 27.82 -25.37
N ALA A 70 -7.48 27.22 -24.23
CA ALA A 70 -7.89 25.86 -23.97
C ALA A 70 -9.36 25.60 -24.31
N ALA A 71 -10.27 26.38 -23.71
CA ALA A 71 -11.72 26.11 -23.82
C ALA A 71 -12.15 26.36 -25.26
N GLU A 72 -11.54 27.33 -25.89
CA GLU A 72 -11.83 27.64 -27.27
C GLU A 72 -11.34 26.54 -28.24
N LEU A 73 -10.08 26.12 -28.14
CA LEU A 73 -9.61 24.93 -28.83
C LEU A 73 -10.53 23.70 -28.63
N ALA A 74 -10.88 23.39 -27.38
CA ALA A 74 -11.84 22.33 -27.10
C ALA A 74 -13.16 22.51 -27.86
N ASP A 75 -13.71 23.72 -27.83
CA ASP A 75 -14.97 24.01 -28.55
C ASP A 75 -14.90 23.76 -30.04
N TRP A 76 -13.80 24.21 -30.64
CA TRP A 76 -13.46 23.90 -32.00
C TRP A 76 -13.32 22.40 -32.25
N MET A 77 -12.61 21.69 -31.38
CA MET A 77 -12.37 20.26 -31.64
C MET A 77 -13.68 19.48 -31.61
N GLN A 78 -14.67 20.01 -30.88
CA GLN A 78 -16.05 19.51 -30.90
C GLN A 78 -16.76 19.64 -32.27
N SER A 79 -16.41 20.65 -33.04
CA SER A 79 -17.14 20.94 -34.29
C SER A 79 -16.70 19.97 -35.40
N PRO A 80 -17.55 19.80 -36.46
CA PRO A 80 -17.19 18.78 -37.47
C PRO A 80 -15.85 19.03 -38.15
N GLU A 81 -15.52 20.29 -38.41
CA GLU A 81 -14.25 20.59 -39.03
C GLU A 81 -13.13 20.08 -38.10
N GLY A 82 -13.28 20.27 -36.80
CA GLY A 82 -12.26 19.91 -35.81
C GLY A 82 -12.22 18.41 -35.60
N GLN A 83 -13.40 17.78 -35.63
CA GLN A 83 -13.50 16.34 -35.63
C GLN A 83 -12.90 15.71 -36.87
N ALA A 84 -12.79 16.48 -37.96
CA ALA A 84 -12.25 15.91 -39.24
C ALA A 84 -10.74 16.04 -39.31
N SER A 85 -10.18 16.80 -38.38
CA SER A 85 -8.72 17.03 -38.46
C SER A 85 -8.01 16.01 -37.54
N SER A 86 -6.93 15.41 -38.01
CA SER A 86 -6.14 14.47 -37.19
C SER A 86 -5.57 15.16 -35.96
N LEU A 87 -5.50 14.45 -34.84
CA LEU A 87 -4.76 14.95 -33.67
C LEU A 87 -3.34 15.37 -33.95
N GLU A 88 -2.67 14.62 -34.81
CA GLU A 88 -1.33 14.96 -35.16
C GLU A 88 -1.25 16.33 -35.79
N SER A 89 -2.25 16.66 -36.66
CA SER A 89 -2.25 18.00 -37.28
C SER A 89 -2.55 19.08 -36.23
N ILE A 90 -3.49 18.82 -35.34
CA ILE A 90 -3.81 19.80 -34.33
C ILE A 90 -2.59 20.02 -33.45
N GLY A 91 -1.93 18.95 -33.04
CA GLY A 91 -0.71 19.11 -32.28
C GLY A 91 0.35 19.84 -33.08
N ARG A 92 0.46 19.53 -34.36
CA ARG A 92 1.49 20.21 -35.17
C ARG A 92 1.29 21.75 -35.22
N SER A 93 0.03 22.16 -35.29
CA SER A 93 -0.27 23.57 -35.45
C SER A 93 0.00 24.24 -34.12
N LEU A 94 -0.53 23.63 -33.06
CA LEU A 94 -0.34 24.09 -31.70
C LEU A 94 1.12 24.28 -31.41
N SER A 95 1.95 23.37 -31.85
CA SER A 95 3.35 23.41 -31.52
C SER A 95 4.07 24.56 -32.17
N ARG A 96 3.36 25.36 -32.96
CA ARG A 96 4.06 26.38 -33.75
C ARG A 96 3.70 27.78 -33.26
N ARG A 97 2.77 27.81 -32.32
CA ARG A 97 2.38 29.00 -31.63
C ARG A 97 3.57 29.47 -30.77
N ASN A 98 3.52 30.72 -30.33
CA ASN A 98 4.60 31.20 -29.47
C ASN A 98 4.41 30.63 -28.07
N HIS A 99 5.46 30.11 -27.47
CA HIS A 99 5.22 29.36 -26.24
C HIS A 99 5.44 30.28 -25.06
N GLY A 100 4.36 30.63 -24.39
CA GLY A 100 4.40 31.69 -23.40
C GLY A 100 4.81 31.17 -22.04
N ARG A 101 4.62 32.02 -21.08
CA ARG A 101 5.15 31.87 -19.77
C ARG A 101 4.28 30.85 -19.05
N SER A 102 2.98 30.88 -19.27
CA SER A 102 2.10 29.91 -18.63
C SER A 102 1.73 28.80 -19.64
N ARG A 103 1.83 27.51 -19.27
CA ARG A 103 1.87 26.42 -20.27
C ARG A 103 0.99 25.28 -19.89
N ALA A 104 0.53 24.52 -20.87
CA ALA A 104 -0.26 23.33 -20.58
C ALA A 104 -0.14 22.39 -21.75
N VAL A 105 -0.22 21.10 -21.47
CA VAL A 105 -0.11 20.06 -22.51
C VAL A 105 -1.10 19.05 -22.11
N VAL A 106 -1.96 18.69 -23.05
CA VAL A 106 -2.87 17.59 -22.83
C VAL A 106 -2.29 16.48 -23.69
N LEU A 107 -2.11 15.29 -23.11
CA LEU A 107 -1.53 14.21 -23.85
C LEU A 107 -2.72 13.32 -24.21
N ALA A 108 -2.99 13.14 -25.50
CA ALA A 108 -4.19 12.42 -25.92
C ALA A 108 -3.94 11.48 -27.07
N HIS A 109 -4.75 10.40 -27.09
CA HIS A 109 -4.76 9.40 -28.16
C HIS A 109 -5.88 9.61 -29.15
N ASP A 110 -6.94 10.34 -28.78
CA ASP A 110 -8.07 10.57 -29.68
C ASP A 110 -8.74 11.90 -29.38
N HIS A 111 -9.84 12.20 -30.09
CA HIS A 111 -10.54 13.48 -29.85
C HIS A 111 -11.20 13.61 -28.54
N ASP A 112 -11.86 12.56 -28.09
CA ASP A 112 -12.49 12.57 -26.76
C ASP A 112 -11.53 12.86 -25.60
N GLU A 113 -10.40 12.18 -25.62
CA GLU A 113 -9.40 12.37 -24.59
C GLU A 113 -9.00 13.84 -24.62
N ALA A 114 -8.70 14.34 -25.82
CA ALA A 114 -8.19 15.69 -26.04
C ALA A 114 -9.12 16.73 -25.47
N ILE A 115 -10.41 16.57 -25.76
CA ILE A 115 -11.38 17.53 -25.33
C ILE A 115 -11.48 17.51 -23.79
N LYS A 116 -11.55 16.31 -23.19
CA LYS A 116 -11.76 16.19 -21.75
C LYS A 116 -10.56 16.83 -21.04
N GLY A 117 -9.34 16.51 -21.50
CA GLY A 117 -8.14 17.18 -21.01
C GLY A 117 -8.20 18.70 -21.11
N LEU A 118 -8.54 19.23 -22.29
CA LEU A 118 -8.67 20.67 -22.48
C LEU A 118 -9.76 21.26 -21.54
N ARG A 119 -10.90 20.58 -21.40
CA ARG A 119 -11.87 21.04 -20.41
C ARG A 119 -11.22 21.27 -19.04
N ALA A 120 -10.33 20.37 -18.64
CA ALA A 120 -9.76 20.47 -17.34
C ALA A 120 -8.72 21.55 -17.30
N VAL A 121 -7.99 21.75 -18.39
CA VAL A 121 -7.03 22.82 -18.42
C VAL A 121 -7.79 24.13 -18.23
N ALA A 122 -8.94 24.24 -18.86
CA ALA A 122 -9.72 25.48 -18.84
C ALA A 122 -10.28 25.71 -17.45
N ALA A 123 -10.86 24.67 -16.86
CA ALA A 123 -11.40 24.72 -15.50
C ALA A 123 -10.29 24.75 -14.44
N GLY A 124 -9.03 24.84 -14.88
CA GLY A 124 -7.84 24.57 -14.03
C GLY A 124 -8.03 23.40 -13.07
N LYS A 125 -8.80 22.38 -13.46
CA LYS A 125 -8.88 21.13 -12.70
C LYS A 125 -7.76 20.17 -13.18
N GLN A 126 -7.48 19.13 -12.40
CA GLN A 126 -6.34 18.20 -12.66
C GLN A 126 -6.76 16.88 -13.26
N ALA A 127 -5.82 16.25 -13.95
CA ALA A 127 -6.08 14.93 -14.49
C ALA A 127 -4.77 14.33 -14.86
N PRO A 128 -4.76 13.01 -14.98
CA PRO A 128 -3.47 12.35 -15.19
C PRO A 128 -2.87 12.72 -16.55
N ASN A 129 -3.68 13.03 -17.55
CA ASN A 129 -3.07 13.30 -18.86
C ASN A 129 -2.83 14.76 -19.15
N VAL A 130 -2.91 15.59 -18.11
CA VAL A 130 -2.78 17.02 -18.23
C VAL A 130 -1.66 17.52 -17.38
N PHE A 131 -0.80 18.35 -17.92
CA PHE A 131 0.07 19.10 -17.07
C PHE A 131 -0.12 20.60 -17.29
N SER A 132 -0.17 21.39 -16.22
CA SER A 132 -0.41 22.82 -16.37
C SER A 132 0.23 23.72 -15.29
N VAL A 133 1.13 24.61 -15.66
CA VAL A 133 1.69 25.52 -14.67
C VAL A 133 1.55 27.02 -14.99
N ASP A 134 1.59 27.82 -13.92
CA ASP A 134 1.42 29.25 -14.06
C ASP A 134 2.63 29.87 -14.67
N GLY A 135 3.78 29.20 -14.58
CA GLY A 135 5.03 29.80 -15.08
C GLY A 135 6.18 28.83 -14.93
N PRO A 136 7.34 29.19 -15.49
CA PRO A 136 8.44 28.24 -15.56
C PRO A 136 9.16 27.97 -14.24
N VAL A 137 9.75 26.77 -14.14
CA VAL A 137 10.56 26.39 -13.00
C VAL A 137 11.84 27.20 -13.12
N THR A 138 12.26 27.72 -11.97
CA THR A 138 13.42 28.58 -11.88
C THR A 138 14.74 27.89 -12.22
N THR A 139 14.94 26.67 -11.70
CA THR A 139 16.25 26.10 -11.87
C THR A 139 16.19 24.98 -12.91
N GLY A 140 17.29 24.78 -13.62
CA GLY A 140 17.41 23.64 -14.56
C GLY A 140 17.09 22.22 -14.04
N PRO A 141 16.93 21.27 -14.97
CA PRO A 141 16.69 19.93 -14.48
C PRO A 141 17.99 19.21 -13.98
N VAL A 142 17.80 18.42 -12.91
CA VAL A 142 18.86 17.44 -12.57
C VAL A 142 18.52 16.08 -13.22
N TRP A 143 19.38 15.62 -14.10
CA TRP A 143 19.25 14.28 -14.71
C TRP A 143 19.80 13.20 -13.79
N VAL A 144 18.95 12.25 -13.42
CA VAL A 144 19.32 11.21 -12.49
C VAL A 144 19.69 9.96 -13.33
N LEU A 145 20.94 9.52 -13.17
CA LEU A 145 21.56 8.31 -13.78
C LEU A 145 21.84 7.18 -12.73
N ALA A 146 20.92 6.25 -12.59
CA ALA A 146 21.02 5.19 -11.56
C ALA A 146 21.10 3.86 -12.26
N GLY A 147 20.13 2.96 -12.03
CA GLY A 147 20.14 1.65 -12.74
C GLY A 147 19.93 0.42 -11.85
N PHE A 148 20.37 0.47 -10.60
CA PHE A 148 20.18 -0.65 -9.75
C PHE A 148 18.70 -1.02 -9.71
N GLY A 149 18.37 -2.27 -10.05
CA GLY A 149 17.00 -2.78 -9.87
C GLY A 149 16.03 -2.36 -10.95
N ALA A 150 16.55 -1.67 -11.98
CA ALA A 150 15.69 -1.14 -13.03
C ALA A 150 15.57 -2.02 -14.30
N GLN A 151 16.43 -3.03 -14.42
CA GLN A 151 16.43 -3.94 -15.57
C GLN A 151 15.13 -4.69 -15.73
N HIS A 152 14.79 -4.97 -16.97
CA HIS A 152 13.76 -5.96 -17.29
C HIS A 152 14.05 -6.48 -18.64
N ARG A 153 13.40 -7.60 -18.98
CA ARG A 153 13.84 -8.44 -20.06
C ARG A 153 13.87 -7.72 -21.38
N LYS A 154 12.78 -7.03 -21.70
CA LYS A 154 12.62 -6.38 -23.04
C LYS A 154 13.08 -4.88 -23.09
N MET A 155 13.94 -4.50 -22.16
CA MET A 155 14.15 -3.09 -21.92
C MET A 155 14.81 -2.45 -23.14
N GLY A 156 14.20 -1.38 -23.61
CA GLY A 156 14.81 -0.57 -24.66
C GLY A 156 14.46 -1.03 -26.06
N LYS A 157 13.85 -2.21 -26.17
CA LYS A 157 13.73 -2.86 -27.48
C LYS A 157 12.78 -2.11 -28.43
N SER A 158 11.60 -1.86 -27.91
CA SER A 158 10.49 -1.22 -28.60
C SER A 158 10.93 0.18 -29.09
N LEU A 159 11.51 1.00 -28.19
CA LEU A 159 12.03 2.30 -28.62
C LEU A 159 13.14 2.13 -29.62
N TYR A 160 13.93 1.05 -29.50
CA TYR A 160 14.98 0.84 -30.50
C TYR A 160 14.36 0.56 -31.88
N LEU A 161 13.22 -0.10 -31.91
CA LEU A 161 12.62 -0.49 -33.20
C LEU A 161 11.87 0.71 -33.78
N ARG A 162 11.30 1.53 -32.90
CA ARG A 162 10.46 2.62 -33.29
C ARG A 162 11.08 4.00 -33.41
N ASN A 163 12.29 4.19 -32.92
CA ASN A 163 12.80 5.55 -32.88
C ASN A 163 14.20 5.60 -33.43
N GLU A 164 14.33 6.35 -34.53
CA GLU A 164 15.55 6.32 -35.31
C GLU A 164 16.68 6.99 -34.52
N VAL A 165 16.33 7.95 -33.63
CA VAL A 165 17.40 8.70 -32.94
C VAL A 165 18.00 7.88 -31.76
N PHE A 166 17.13 7.38 -30.87
CA PHE A 166 17.50 6.29 -29.94
C PHE A 166 18.40 5.17 -30.56
N ALA A 167 17.87 4.56 -31.66
CA ALA A 167 18.49 3.41 -32.31
C ALA A 167 19.90 3.73 -32.69
N ALA A 168 20.12 4.93 -33.23
CA ALA A 168 21.48 5.27 -33.67
C ALA A 168 22.42 5.34 -32.47
N TRP A 169 21.91 5.79 -31.32
CA TRP A 169 22.85 5.97 -30.18
C TRP A 169 23.10 4.59 -29.57
N ILE A 170 22.05 3.79 -29.44
CA ILE A 170 22.23 2.40 -29.05
C ILE A 170 23.31 1.74 -29.92
N GLU A 171 23.22 1.95 -31.22
CA GLU A 171 24.14 1.28 -32.12
C GLU A 171 25.54 1.83 -31.89
N LYS A 172 25.63 3.11 -31.51
CA LYS A 172 26.97 3.67 -31.29
C LYS A 172 27.58 3.05 -30.04
N VAL A 173 26.79 2.90 -28.94
CA VAL A 173 27.37 2.28 -27.75
C VAL A 173 27.64 0.79 -28.04
N ASP A 174 26.74 0.17 -28.81
CA ASP A 174 26.89 -1.22 -29.16
C ASP A 174 28.22 -1.47 -29.85
N ALA A 175 28.60 -0.60 -30.78
CA ALA A 175 29.92 -0.66 -31.40
C ALA A 175 31.03 -0.47 -30.40
N LEU A 176 30.90 0.48 -29.47
CA LEU A 176 31.98 0.67 -28.48
C LEU A 176 32.19 -0.53 -27.55
N VAL A 177 31.08 -1.15 -27.12
CA VAL A 177 31.15 -2.32 -26.27
C VAL A 177 31.68 -3.56 -27.00
N GLN A 178 31.28 -3.77 -28.25
CA GLN A 178 31.92 -4.84 -29.06
C GLN A 178 33.41 -4.61 -29.09
N ASP A 179 33.81 -3.37 -29.22
CA ASP A 179 35.22 -3.13 -29.33
C ASP A 179 35.85 -3.38 -27.97
N GLU A 180 35.19 -2.98 -26.88
CA GLU A 180 35.78 -3.12 -25.55
C GLU A 180 35.68 -4.57 -25.01
N LEU A 181 34.62 -5.25 -25.34
CA LEU A 181 34.27 -6.42 -24.57
C LEU A 181 34.04 -7.65 -25.44
N GLY A 182 33.93 -7.43 -26.75
CA GLY A 182 33.76 -8.52 -27.71
C GLY A 182 32.35 -9.07 -27.88
N TYR A 183 31.31 -8.50 -27.27
CA TYR A 183 30.00 -8.98 -27.68
C TYR A 183 29.07 -7.82 -27.94
N SER A 184 27.90 -8.13 -28.47
CA SER A 184 26.89 -7.15 -28.85
C SER A 184 25.80 -6.97 -27.83
N VAL A 185 25.76 -5.79 -27.24
CA VAL A 185 24.66 -5.41 -26.41
C VAL A 185 23.33 -5.34 -27.19
N LEU A 186 23.40 -4.91 -28.42
CA LEU A 186 22.16 -4.82 -29.22
C LEU A 186 21.53 -6.21 -29.45
N GLU A 187 22.35 -7.24 -29.70
CA GLU A 187 21.80 -8.62 -29.75
C GLU A 187 21.00 -8.98 -28.51
N LEU A 188 21.48 -8.60 -27.31
CA LEU A 188 20.72 -8.81 -26.05
C LEU A 188 19.41 -8.11 -26.05
N ILE A 189 19.44 -6.86 -26.49
CA ILE A 189 18.25 -6.04 -26.44
C ILE A 189 17.13 -6.68 -27.29
N LEU A 190 17.54 -7.21 -28.44
CA LEU A 190 16.59 -7.71 -29.50
C LEU A 190 16.05 -9.10 -29.23
N ASP A 191 16.82 -9.87 -28.45
CA ASP A 191 16.51 -11.28 -28.20
C ASP A 191 15.69 -11.53 -26.95
N ASP A 192 14.38 -11.70 -27.08
CA ASP A 192 13.57 -11.92 -25.90
C ASP A 192 13.97 -13.16 -25.08
N ALA A 193 14.80 -14.08 -25.64
CA ALA A 193 15.21 -15.35 -24.99
C ALA A 193 16.43 -15.14 -24.11
N GLN A 194 17.00 -13.97 -24.20
CA GLN A 194 18.23 -13.66 -23.57
C GLN A 194 17.87 -12.83 -22.33
N ASP A 195 18.42 -13.19 -21.20
CA ASP A 195 18.16 -12.47 -19.95
C ASP A 195 19.47 -11.83 -19.53
N TYR A 196 19.41 -10.96 -18.52
CA TYR A 196 20.62 -10.19 -18.18
C TYR A 196 21.26 -10.71 -16.89
N GLY A 197 22.59 -10.69 -16.83
CA GLY A 197 23.33 -11.00 -15.59
C GLY A 197 24.14 -9.83 -15.00
N ILE A 198 25.07 -10.16 -14.11
CA ILE A 198 25.70 -9.14 -13.32
C ILE A 198 26.35 -8.16 -14.26
N GLU A 199 27.00 -8.68 -15.30
CA GLU A 199 27.82 -7.88 -16.22
C GLU A 199 26.97 -7.19 -17.30
N THR A 200 26.21 -7.95 -18.05
CA THR A 200 25.46 -7.37 -19.17
C THR A 200 24.31 -6.48 -18.73
N THR A 201 23.71 -6.72 -17.56
CA THR A 201 22.68 -5.81 -17.03
C THR A 201 23.24 -4.37 -17.00
N GLN A 202 24.51 -4.26 -16.61
CA GLN A 202 25.09 -2.94 -16.38
C GLN A 202 25.42 -2.30 -17.70
N VAL A 203 26.05 -3.05 -18.64
CA VAL A 203 26.51 -2.40 -19.85
C VAL A 203 25.32 -2.05 -20.67
N THR A 204 24.21 -2.75 -20.47
CA THR A 204 23.02 -2.48 -21.30
C THR A 204 22.19 -1.34 -20.73
N ILE A 205 22.14 -1.17 -19.42
CA ILE A 205 21.39 -0.05 -18.87
C ILE A 205 22.12 1.24 -19.26
N PHE A 206 23.44 1.15 -19.32
CA PHE A 206 24.28 2.20 -19.76
C PHE A 206 24.00 2.56 -21.18
N ALA A 207 24.06 1.59 -22.09
CA ALA A 207 23.67 1.87 -23.48
C ALA A 207 22.37 2.66 -23.50
N ILE A 208 21.38 2.17 -22.77
CA ILE A 208 20.08 2.78 -22.83
C ILE A 208 20.06 4.19 -22.20
N GLN A 209 20.85 4.42 -21.14
CA GLN A 209 20.90 5.72 -20.51
C GLN A 209 21.48 6.71 -21.55
N ILE A 210 22.64 6.36 -22.16
CA ILE A 210 23.26 7.18 -23.16
C ILE A 210 22.26 7.54 -24.24
N ALA A 211 21.58 6.53 -24.79
CA ALA A 211 20.73 6.82 -25.94
C ALA A 211 19.57 7.66 -25.54
N LEU A 212 18.99 7.42 -24.38
CA LEU A 212 17.83 8.21 -23.95
C LEU A 212 18.22 9.71 -23.73
N GLY A 213 19.41 9.95 -23.21
CA GLY A 213 19.85 11.31 -22.94
C GLY A 213 20.08 12.06 -24.25
N GLU A 214 20.70 11.39 -25.20
CA GLU A 214 20.91 11.96 -26.49
C GLU A 214 19.60 12.14 -27.27
N LEU A 215 18.60 11.31 -27.02
CA LEU A 215 17.31 11.52 -27.69
C LEU A 215 16.75 12.82 -27.15
N LEU A 216 16.86 13.00 -25.84
CA LEU A 216 16.45 14.26 -25.22
C LEU A 216 17.27 15.44 -25.77
N ARG A 217 18.57 15.29 -25.94
CA ARG A 217 19.34 16.40 -26.49
C ARG A 217 18.89 16.77 -27.92
N HIS A 218 18.43 15.76 -28.64
CA HIS A 218 18.08 15.93 -30.01
C HIS A 218 16.90 16.80 -30.09
N HIS A 219 16.01 16.69 -29.11
CA HIS A 219 14.83 17.50 -28.99
C HIS A 219 15.04 18.80 -28.22
N GLY A 220 16.29 19.22 -28.08
CA GLY A 220 16.57 20.46 -27.35
C GLY A 220 16.67 20.44 -25.81
N ALA A 221 16.59 19.29 -25.16
CA ALA A 221 16.74 19.30 -23.69
C ALA A 221 18.23 19.33 -23.29
N LYS A 222 18.50 19.81 -22.08
CA LYS A 222 19.88 19.79 -21.54
C LYS A 222 19.82 19.59 -20.06
N PRO A 223 20.82 18.93 -19.50
CA PRO A 223 20.77 18.92 -18.05
C PRO A 223 21.41 20.19 -17.44
N ALA A 224 20.78 20.78 -16.45
CA ALA A 224 21.52 21.78 -15.69
C ALA A 224 22.59 21.10 -14.81
N ALA A 225 22.30 19.89 -14.31
CA ALA A 225 23.23 19.16 -13.43
C ALA A 225 22.97 17.62 -13.57
N VAL A 226 23.99 16.80 -13.24
CA VAL A 226 23.76 15.36 -13.11
C VAL A 226 23.94 14.90 -11.70
N ILE A 227 23.25 13.81 -11.39
CA ILE A 227 23.57 13.01 -10.23
C ILE A 227 23.56 11.52 -10.62
N GLY A 228 24.60 10.81 -10.16
CA GLY A 228 24.85 9.38 -10.48
C GLY A 228 24.51 8.46 -9.32
N GLN A 229 24.17 7.20 -9.61
CA GLN A 229 23.97 6.20 -8.53
C GLN A 229 24.48 4.84 -8.98
N SER A 230 25.73 4.59 -8.58
CA SER A 230 26.49 3.35 -8.77
C SER A 230 26.69 3.12 -10.27
N LEU A 231 25.94 2.20 -10.83
CA LEU A 231 26.10 1.82 -12.22
C LEU A 231 25.99 3.05 -13.14
N GLY A 232 25.02 3.91 -12.83
CA GLY A 232 24.76 5.14 -13.56
C GLY A 232 25.87 6.16 -13.57
N GLU A 233 26.81 6.04 -12.63
CA GLU A 233 27.79 7.09 -12.56
C GLU A 233 28.49 7.29 -13.85
N ALA A 234 28.75 6.25 -14.64
CA ALA A 234 29.53 6.45 -15.90
C ALA A 234 28.72 7.23 -16.98
N ALA A 235 27.42 7.04 -17.03
CA ALA A 235 26.59 7.81 -17.96
C ALA A 235 26.57 9.28 -17.48
N SER A 236 26.41 9.48 -16.15
CA SER A 236 26.44 10.81 -15.54
C SER A 236 27.71 11.52 -15.95
N ALA A 237 28.87 10.89 -15.87
CA ALA A 237 30.11 11.52 -16.35
C ALA A 237 30.01 11.96 -17.80
N TYR A 238 29.41 11.15 -18.63
CA TYR A 238 29.37 11.49 -20.03
C TYR A 238 28.54 12.73 -20.27
N PHE A 239 27.34 12.76 -19.71
CA PHE A 239 26.45 13.88 -19.88
C PHE A 239 26.90 15.13 -19.18
N ALA A 240 27.79 15.04 -18.20
CA ALA A 240 28.31 16.24 -17.59
C ALA A 240 29.57 16.72 -18.30
N GLY A 241 29.88 16.11 -19.45
CA GLY A 241 31.11 16.44 -20.21
C GLY A 241 32.37 16.08 -19.47
N GLY A 242 32.32 15.06 -18.60
CA GLY A 242 33.49 14.76 -17.77
C GLY A 242 34.40 13.74 -18.38
N LEU A 243 33.83 12.97 -19.34
CA LEU A 243 34.60 11.98 -20.12
C LEU A 243 33.95 11.85 -21.47
N SER A 244 34.73 11.54 -22.50
CA SER A 244 34.17 11.22 -23.82
C SER A 244 33.32 9.93 -23.70
N LEU A 245 32.49 9.65 -24.71
CA LEU A 245 31.60 8.51 -24.70
C LEU A 245 32.47 7.28 -24.60
N ARG A 246 33.58 7.31 -25.32
CA ARG A 246 34.51 6.20 -25.35
C ARG A 246 34.97 5.93 -23.91
N ASP A 247 35.36 6.98 -23.20
CA ASP A 247 36.03 6.70 -21.95
C ASP A 247 34.97 6.31 -20.93
N ALA A 248 33.76 6.81 -21.10
CA ALA A 248 32.72 6.48 -20.17
C ALA A 248 32.30 5.03 -20.45
N THR A 249 32.31 4.60 -21.71
CA THR A 249 32.05 3.18 -21.99
C THR A 249 33.16 2.33 -21.35
N ARG A 250 34.40 2.84 -21.45
CA ARG A 250 35.52 2.11 -20.82
C ARG A 250 35.25 1.91 -19.32
N ALA A 251 34.72 2.94 -18.65
CA ALA A 251 34.49 2.86 -17.20
C ALA A 251 33.41 1.84 -16.86
N ILE A 252 32.30 1.81 -17.61
CA ILE A 252 31.26 0.90 -17.26
C ILE A 252 31.63 -0.59 -17.65
N CYS A 253 32.31 -0.77 -18.79
CA CYS A 253 32.83 -2.04 -19.23
C CYS A 253 33.76 -2.72 -18.20
N SER A 254 34.76 -1.97 -17.67
CA SER A 254 35.66 -2.54 -16.64
C SER A 254 34.94 -2.86 -15.37
N ARG A 255 34.18 -1.91 -14.81
CA ARG A 255 33.36 -2.24 -13.63
C ARG A 255 32.58 -3.57 -13.87
N SER A 256 31.83 -3.62 -14.97
CA SER A 256 30.79 -4.64 -15.23
C SER A 256 31.35 -6.01 -15.44
N HIS A 257 32.33 -6.15 -16.33
CA HIS A 257 32.90 -7.46 -16.57
C HIS A 257 33.74 -7.96 -15.40
N LEU A 258 34.48 -7.07 -14.74
CA LEU A 258 35.18 -7.48 -13.54
C LEU A 258 34.25 -7.93 -12.43
N MET A 259 33.08 -7.30 -12.30
CA MET A 259 32.18 -7.71 -11.24
C MET A 259 31.61 -9.09 -11.52
N GLY A 260 31.33 -9.37 -12.79
CA GLY A 260 30.71 -10.64 -13.16
C GLY A 260 31.70 -11.77 -12.93
N GLU A 261 32.93 -11.56 -13.36
CA GLU A 261 33.99 -12.55 -13.23
C GLU A 261 34.32 -12.85 -11.78
N GLY A 262 34.38 -11.81 -10.97
CA GLY A 262 34.66 -11.94 -9.56
C GLY A 262 33.58 -12.73 -8.83
N GLU A 263 32.31 -12.50 -9.14
CA GLU A 263 31.36 -13.35 -8.42
C GLU A 263 31.41 -14.81 -8.88
N ALA A 264 31.60 -15.06 -10.18
CA ALA A 264 31.58 -16.41 -10.74
C ALA A 264 32.67 -17.24 -10.11
N MET A 265 33.74 -16.64 -9.60
CA MET A 265 34.82 -17.43 -9.04
C MET A 265 34.65 -17.69 -7.52
N LEU A 266 33.56 -17.17 -6.93
CA LEU A 266 33.31 -17.32 -5.50
C LEU A 266 32.12 -18.22 -5.32
N PHE A 267 32.06 -18.96 -4.21
CA PHE A 267 30.99 -19.94 -4.12
C PHE A 267 30.20 -19.75 -2.86
N GLY A 268 28.91 -20.14 -2.92
CA GLY A 268 28.06 -20.34 -1.72
C GLY A 268 27.99 -19.19 -0.73
N GLU A 269 28.31 -19.45 0.55
CA GLU A 269 28.14 -18.37 1.54
C GLU A 269 29.26 -17.38 1.51
N TYR A 270 30.14 -17.52 0.53
CA TYR A 270 31.13 -16.42 0.35
C TYR A 270 30.67 -15.30 -0.57
N ILE A 271 29.50 -15.51 -1.18
CA ILE A 271 28.95 -14.49 -2.01
C ILE A 271 28.28 -13.47 -1.13
N ARG A 272 28.74 -12.23 -1.22
CA ARG A 272 28.05 -11.12 -0.50
C ARG A 272 26.68 -10.76 -1.10
N LEU A 273 25.66 -10.55 -0.27
CA LEU A 273 24.36 -10.12 -0.77
C LEU A 273 24.09 -8.61 -0.44
N MET A 274 23.05 -8.02 -1.05
CA MET A 274 22.62 -6.67 -0.79
C MET A 274 21.17 -6.68 -0.48
N ALA A 275 20.75 -5.78 0.39
CA ALA A 275 19.34 -5.62 0.72
C ALA A 275 19.03 -4.17 1.07
N LEU A 276 17.77 -3.80 0.95
CA LEU A 276 17.31 -2.48 1.31
C LEU A 276 16.66 -2.58 2.66
N VAL A 277 17.06 -1.74 3.60
CA VAL A 277 16.37 -1.72 4.86
C VAL A 277 16.03 -0.27 5.26
N GLU A 278 14.94 -0.13 6.00
CA GLU A 278 14.39 1.13 6.45
C GLU A 278 15.09 1.57 7.70
N TYR A 279 16.37 1.91 7.54
CA TYR A 279 17.13 2.52 8.58
C TYR A 279 17.89 3.64 7.92
N SER A 280 18.01 4.74 8.64
CA SER A 280 18.78 5.86 8.25
C SER A 280 20.23 5.69 8.60
N ALA A 281 21.05 6.57 8.06
CA ALA A 281 22.46 6.58 8.30
C ALA A 281 22.73 6.48 9.78
N ASP A 282 22.00 7.23 10.58
CA ASP A 282 22.26 7.27 12.00
C ASP A 282 21.86 5.99 12.67
N GLU A 283 20.72 5.44 12.30
CA GLU A 283 20.28 4.18 12.86
C GLU A 283 21.26 3.03 12.51
N ILE A 284 21.93 3.15 11.36
CA ILE A 284 22.80 2.12 10.86
C ILE A 284 24.03 2.03 11.68
N ARG A 285 24.62 3.17 12.07
CA ARG A 285 25.85 3.15 12.89
C ARG A 285 25.56 2.33 14.16
N GLU A 286 24.33 2.43 14.70
CA GLU A 286 23.94 1.65 15.88
C GLU A 286 23.71 0.20 15.55
N VAL A 287 22.80 -0.04 14.60
CA VAL A 287 22.40 -1.35 14.24
C VAL A 287 23.59 -2.24 13.86
N PHE A 288 24.63 -1.64 13.28
CA PHE A 288 25.75 -2.33 12.68
C PHE A 288 26.67 -2.89 13.72
N SER A 289 26.49 -2.48 14.97
CA SER A 289 27.40 -2.95 15.98
C SER A 289 27.06 -4.39 16.25
N ASP A 290 25.98 -4.93 15.65
CA ASP A 290 25.63 -6.30 15.84
C ASP A 290 26.08 -7.13 14.67
N PHE A 291 26.48 -6.47 13.60
CA PHE A 291 26.75 -7.13 12.33
C PHE A 291 28.06 -6.60 11.76
N PRO A 292 29.19 -7.16 12.24
CA PRO A 292 30.47 -6.47 12.04
C PRO A 292 30.94 -6.53 10.67
N ASP A 293 30.30 -7.28 9.80
CA ASP A 293 30.80 -7.33 8.43
C ASP A 293 29.82 -6.61 7.45
N LEU A 294 28.69 -6.12 7.97
CA LEU A 294 27.79 -5.39 7.09
C LEU A 294 28.43 -4.05 6.69
N GLU A 295 28.21 -3.60 5.48
CA GLU A 295 28.70 -2.27 5.05
C GLU A 295 27.54 -1.53 4.37
N VAL A 296 27.64 -0.21 4.25
CA VAL A 296 26.62 0.58 3.56
C VAL A 296 26.94 0.68 2.07
N CYS A 297 26.03 0.21 1.24
CA CYS A 297 26.24 0.31 -0.20
C CYS A 297 25.76 1.66 -0.81
N VAL A 298 24.51 2.01 -0.48
CA VAL A 298 23.88 3.21 -1.01
C VAL A 298 23.08 3.83 0.13
N TYR A 299 23.43 5.05 0.52
CA TYR A 299 22.48 5.83 1.35
C TYR A 299 21.42 6.37 0.38
N ALA A 300 20.27 5.68 0.33
CA ALA A 300 19.33 5.84 -0.81
C ALA A 300 18.25 6.93 -0.55
N ALA A 301 17.84 7.06 0.69
CA ALA A 301 16.76 7.90 1.13
C ALA A 301 17.10 8.25 2.55
N PRO A 302 16.39 9.21 3.14
CA PRO A 302 16.77 9.55 4.49
C PRO A 302 16.63 8.40 5.48
N THR A 303 15.70 7.50 5.22
CA THR A 303 15.43 6.40 6.14
C THR A 303 15.46 5.10 5.35
N GLN A 304 16.24 5.07 4.27
CA GLN A 304 16.45 3.85 3.53
C GLN A 304 17.88 3.70 3.13
N THR A 305 18.43 2.51 3.42
CA THR A 305 19.83 2.21 3.11
C THR A 305 19.92 0.81 2.49
N VAL A 306 20.66 0.74 1.40
CA VAL A 306 21.01 -0.51 0.81
C VAL A 306 22.31 -0.91 1.54
N ILE A 307 22.30 -2.07 2.16
CA ILE A 307 23.50 -2.53 2.86
C ILE A 307 23.96 -3.79 2.17
N GLY A 308 25.20 -4.18 2.45
CA GLY A 308 25.83 -5.36 1.86
C GLY A 308 26.74 -6.09 2.87
N GLY A 309 26.77 -7.41 2.73
CA GLY A 309 27.76 -8.24 3.36
C GLY A 309 27.43 -9.75 3.31
N PRO A 310 28.03 -10.54 4.23
CA PRO A 310 27.83 -11.99 4.20
C PRO A 310 26.39 -12.30 4.44
N PRO A 311 25.89 -13.34 3.77
CA PRO A 311 24.47 -13.66 3.80
C PRO A 311 23.93 -13.84 5.18
N GLU A 312 24.71 -14.43 6.08
CA GLU A 312 24.12 -14.77 7.37
C GLU A 312 23.83 -13.47 8.10
N GLN A 313 24.71 -12.47 7.97
CA GLN A 313 24.47 -11.10 8.54
C GLN A 313 23.37 -10.29 7.81
N VAL A 314 23.35 -10.36 6.47
CA VAL A 314 22.20 -9.83 5.72
C VAL A 314 20.87 -10.43 6.20
N ASP A 315 20.73 -11.75 6.19
CA ASP A 315 19.50 -12.32 6.70
C ASP A 315 19.25 -11.84 8.10
N ALA A 316 20.29 -11.78 8.95
CA ALA A 316 20.00 -11.31 10.32
C ALA A 316 19.41 -9.85 10.43
N ILE A 317 20.05 -8.89 9.74
CA ILE A 317 19.54 -7.51 9.71
C ILE A 317 18.16 -7.46 9.07
N LEU A 318 17.92 -8.26 8.04
CA LEU A 318 16.58 -8.32 7.49
C LEU A 318 15.55 -8.70 8.57
N ALA A 319 15.88 -9.68 9.41
CA ALA A 319 14.89 -10.21 10.30
C ALA A 319 14.79 -9.24 11.41
N ARG A 320 15.85 -8.50 11.67
CA ARG A 320 15.77 -7.55 12.77
C ARG A 320 14.85 -6.38 12.42
N ALA A 321 14.89 -6.00 11.15
CA ALA A 321 14.00 -4.97 10.57
C ALA A 321 12.54 -5.45 10.56
N GLU A 322 12.24 -6.51 9.78
CA GLU A 322 10.90 -7.13 9.79
C GLU A 322 10.34 -7.25 11.19
N ALA A 323 11.17 -7.56 12.19
CA ALA A 323 10.71 -7.61 13.58
C ALA A 323 10.30 -6.23 14.09
N GLU A 324 11.11 -5.23 13.80
CA GLU A 324 10.92 -3.90 14.40
C GLU A 324 9.85 -3.07 13.75
N GLY A 325 9.33 -3.55 12.62
CA GLY A 325 8.20 -2.99 11.95
C GLY A 325 8.67 -2.11 10.83
N LYS A 326 9.76 -2.53 10.16
CA LYS A 326 10.51 -1.68 9.25
C LYS A 326 10.66 -2.41 7.98
N PHE A 327 10.50 -1.70 6.89
CA PHE A 327 10.58 -2.30 5.61
C PHE A 327 11.97 -2.84 5.32
N ALA A 328 12.04 -3.98 4.67
CA ALA A 328 13.33 -4.57 4.28
C ALA A 328 13.12 -5.61 3.22
N ARG A 329 13.87 -5.50 2.13
CA ARG A 329 13.75 -6.38 0.98
C ARG A 329 15.17 -6.70 0.52
N LYS A 330 15.42 -8.01 0.38
CA LYS A 330 16.69 -8.57 -0.04
C LYS A 330 16.74 -8.51 -1.53
N PHE A 331 17.87 -8.16 -2.11
CA PHE A 331 17.96 -8.18 -3.56
C PHE A 331 18.48 -9.49 -4.06
N ALA A 332 18.22 -9.79 -5.33
CA ALA A 332 18.75 -11.00 -5.96
C ALA A 332 19.78 -10.63 -7.02
N THR A 333 21.02 -10.47 -6.64
CA THR A 333 22.07 -10.27 -7.61
C THR A 333 23.28 -10.57 -6.76
N LYS A 334 24.22 -11.36 -7.27
CA LYS A 334 25.36 -11.72 -6.40
C LYS A 334 26.49 -10.68 -6.58
N GLY A 335 26.10 -9.57 -7.22
CA GLY A 335 26.86 -8.33 -7.21
C GLY A 335 26.98 -7.88 -5.75
N ALA A 336 28.12 -7.38 -5.46
CA ALA A 336 28.25 -6.85 -4.13
C ALA A 336 29.01 -5.56 -4.40
N SER A 337 28.46 -4.68 -5.26
CA SER A 337 29.15 -3.39 -5.44
C SER A 337 29.23 -2.69 -4.07
N HIS A 338 30.27 -1.88 -3.88
CA HIS A 338 30.34 -1.13 -2.64
C HIS A 338 30.47 -2.00 -1.38
N THR A 339 31.12 -3.19 -1.53
CA THR A 339 31.48 -4.07 -0.42
C THR A 339 32.93 -4.54 -0.56
N SER A 340 33.42 -5.32 0.39
CA SER A 340 34.79 -5.88 0.26
C SER A 340 34.90 -6.87 -0.88
N GLN A 341 33.78 -7.47 -1.31
CA GLN A 341 33.81 -8.29 -2.53
C GLN A 341 34.42 -7.58 -3.76
N MET A 342 34.52 -6.23 -3.75
CA MET A 342 35.24 -5.48 -4.81
C MET A 342 36.76 -5.34 -4.60
N ASP A 343 37.23 -5.68 -3.39
CA ASP A 343 38.69 -5.58 -3.09
C ASP A 343 39.64 -6.22 -4.08
N PRO A 344 39.38 -7.47 -4.49
CA PRO A 344 40.26 -8.16 -5.44
C PRO A 344 40.20 -7.65 -6.89
N LEU A 345 39.27 -6.75 -7.26
CA LEU A 345 39.15 -6.29 -8.66
C LEU A 345 39.80 -4.94 -8.80
N LEU A 346 40.14 -4.31 -7.68
CA LEU A 346 40.58 -2.92 -7.84
C LEU A 346 41.78 -2.76 -8.71
N GLY A 347 42.72 -3.71 -8.63
CA GLY A 347 44.00 -3.60 -9.33
C GLY A 347 43.74 -3.77 -10.81
N GLU A 348 43.02 -4.82 -11.21
CA GLU A 348 42.73 -4.96 -12.65
C GLU A 348 41.98 -3.69 -13.16
N LEU A 349 41.02 -3.20 -12.33
CA LEU A 349 40.22 -2.03 -12.69
C LEU A 349 41.11 -0.82 -12.98
N THR A 350 41.99 -0.52 -12.03
CA THR A 350 43.00 0.53 -12.15
C THR A 350 43.78 0.40 -13.45
N ALA A 351 44.15 -0.84 -13.76
CA ALA A 351 44.98 -1.14 -14.90
C ALA A 351 44.20 -0.94 -16.17
N GLU A 352 42.96 -1.43 -16.20
CA GLU A 352 42.16 -1.30 -17.43
C GLU A 352 41.88 0.13 -17.88
N LEU A 353 41.74 1.04 -16.93
CA LEU A 353 41.27 2.37 -17.22
C LEU A 353 42.42 3.31 -17.32
N GLN A 354 43.63 2.76 -17.35
CA GLN A 354 44.79 3.61 -17.64
C GLN A 354 44.57 4.25 -19.01
N GLY A 355 44.74 5.55 -19.08
CA GLY A 355 44.59 6.24 -20.36
C GLY A 355 43.30 7.04 -20.53
N ILE A 356 42.23 6.78 -19.76
CA ILE A 356 41.05 7.64 -19.85
C ILE A 356 41.43 9.11 -19.61
N LYS A 357 40.64 10.03 -20.17
CA LYS A 357 40.96 11.46 -20.06
C LYS A 357 39.85 12.24 -19.42
N PRO A 358 40.03 12.60 -18.14
CA PRO A 358 38.96 13.32 -17.50
C PRO A 358 38.97 14.73 -18.00
N THR A 359 37.80 15.24 -18.31
CA THR A 359 37.65 16.59 -18.79
C THR A 359 36.82 17.42 -17.82
N SER A 360 36.96 18.74 -17.95
CA SER A 360 36.34 19.68 -17.04
C SER A 360 34.85 19.65 -17.36
N PRO A 361 33.99 19.53 -16.36
CA PRO A 361 32.57 19.33 -16.76
C PRO A 361 31.87 20.52 -17.45
N THR A 362 30.82 20.24 -18.22
CA THR A 362 30.09 21.24 -18.97
C THR A 362 28.75 21.53 -18.35
N CYS A 363 28.34 20.74 -17.37
CA CYS A 363 27.22 21.08 -16.51
C CYS A 363 27.51 20.79 -15.02
N GLY A 364 26.59 21.10 -14.11
CA GLY A 364 26.83 20.82 -12.68
C GLY A 364 26.89 19.32 -12.42
N ILE A 365 27.59 18.91 -11.33
CA ILE A 365 27.62 17.50 -10.86
C ILE A 365 27.44 17.36 -9.38
N PHE A 366 26.35 16.77 -8.94
CA PHE A 366 26.29 16.22 -7.61
C PHE A 366 26.97 14.85 -7.59
N SER A 367 28.14 14.74 -6.91
CA SER A 367 28.96 13.52 -6.94
C SER A 367 28.62 12.71 -5.75
N THR A 368 27.83 11.66 -5.98
CA THR A 368 27.48 10.72 -4.90
C THR A 368 28.68 9.84 -4.53
N VAL A 369 29.73 9.88 -5.34
CA VAL A 369 31.01 9.26 -4.99
C VAL A 369 31.71 10.14 -3.97
N HIS A 370 31.83 11.47 -4.25
CA HIS A 370 32.32 12.42 -3.23
C HIS A 370 31.30 12.89 -2.29
N GLU A 371 30.62 11.95 -1.63
CA GLU A 371 29.81 12.30 -0.48
C GLU A 371 28.71 13.26 -0.83
N GLY A 372 28.35 13.38 -2.12
CA GLY A 372 27.21 14.22 -2.47
C GLY A 372 27.58 15.67 -2.78
N ARG A 373 28.87 15.98 -2.86
CA ARG A 373 29.28 17.36 -3.03
C ARG A 373 29.11 17.85 -4.48
N TYR A 374 28.76 19.13 -4.63
CA TYR A 374 28.57 19.76 -5.95
C TYR A 374 29.84 20.19 -6.62
N ILE A 375 30.01 19.90 -7.92
CA ILE A 375 31.08 20.46 -8.73
C ILE A 375 30.41 21.29 -9.83
N LYS A 376 30.96 22.46 -10.12
CA LYS A 376 30.31 23.44 -10.97
C LYS A 376 30.78 23.23 -12.36
N PRO A 377 29.95 23.63 -13.35
CA PRO A 377 30.46 23.64 -14.75
C PRO A 377 31.75 24.44 -14.75
N GLY A 378 32.77 23.96 -15.43
CA GLY A 378 34.05 24.67 -15.52
C GLY A 378 35.02 24.21 -14.45
N GLY A 379 34.54 23.40 -13.50
CA GLY A 379 35.41 22.91 -12.43
C GLY A 379 36.55 22.04 -12.87
N GLU A 380 37.40 21.65 -11.91
CA GLU A 380 38.45 20.69 -12.22
C GLU A 380 37.86 19.31 -12.57
N PRO A 381 38.50 18.59 -13.49
CA PRO A 381 38.07 17.22 -13.79
C PRO A 381 38.00 16.40 -12.53
N ILE A 382 36.93 15.62 -12.35
CA ILE A 382 36.87 14.61 -11.26
C ILE A 382 36.66 13.18 -11.76
N HIS A 383 36.79 12.93 -13.07
CA HIS A 383 36.57 11.55 -13.59
C HIS A 383 37.81 10.65 -13.72
N ASP A 384 38.65 10.78 -12.70
CA ASP A 384 39.93 10.08 -12.63
C ASP A 384 39.84 8.53 -12.58
N VAL A 385 40.91 7.80 -12.86
CA VAL A 385 40.88 6.37 -12.59
C VAL A 385 40.52 6.10 -11.11
N GLU A 386 41.14 6.87 -10.23
CA GLU A 386 40.93 6.76 -8.78
C GLU A 386 39.44 6.98 -8.35
N TYR A 387 38.78 7.81 -9.16
CA TYR A 387 37.35 8.08 -9.03
C TYR A 387 36.49 6.83 -9.22
N TRP A 388 36.77 6.08 -10.27
CA TRP A 388 36.09 4.84 -10.52
C TRP A 388 36.43 3.77 -9.53
N LYS A 389 37.69 3.71 -9.14
CA LYS A 389 38.12 2.88 -8.00
C LYS A 389 37.34 3.28 -6.71
N LYS A 390 37.37 4.58 -6.34
CA LYS A 390 36.61 5.03 -5.17
C LYS A 390 35.13 4.62 -5.28
N GLY A 391 34.52 4.96 -6.42
CA GLY A 391 33.08 4.70 -6.60
C GLY A 391 32.61 3.25 -6.48
N LEU A 392 33.42 2.32 -6.99
CA LEU A 392 33.04 0.91 -6.95
C LEU A 392 33.11 0.38 -5.50
N ARG A 393 34.20 0.68 -4.80
CA ARG A 393 34.42 0.19 -3.45
C ARG A 393 33.57 0.87 -2.37
N HIS A 394 33.42 2.19 -2.46
CA HIS A 394 32.75 2.95 -1.38
C HIS A 394 31.30 3.29 -1.52
N SER A 395 30.72 3.81 -0.43
CA SER A 395 29.30 4.03 -0.32
C SER A 395 28.78 5.07 -1.33
N VAL A 396 27.54 4.93 -1.78
CA VAL A 396 26.99 5.88 -2.75
C VAL A 396 26.16 6.89 -1.97
N TYR A 397 26.58 8.17 -1.92
CA TYR A 397 25.88 9.17 -1.09
C TYR A 397 24.74 9.85 -1.88
N PHE A 398 23.75 9.06 -2.21
CA PHE A 398 22.67 9.47 -3.10
C PHE A 398 21.71 10.44 -2.42
N THR A 399 21.11 10.04 -1.33
CA THR A 399 20.25 10.95 -0.66
C THR A 399 20.96 12.28 -0.37
N HIS A 400 22.26 12.25 -0.15
CA HIS A 400 22.98 13.43 0.27
C HIS A 400 23.09 14.34 -0.91
N GLY A 401 23.38 13.77 -2.07
CA GLY A 401 23.44 14.47 -3.32
C GLY A 401 22.14 15.14 -3.65
N ILE A 402 21.01 14.45 -3.42
CA ILE A 402 19.72 14.92 -3.85
C ILE A 402 19.28 16.11 -2.88
N ARG A 403 19.75 16.05 -1.63
CA ARG A 403 19.42 16.98 -0.58
C ARG A 403 20.16 18.29 -0.92
N ASN A 404 21.38 18.13 -1.43
CA ASN A 404 22.23 19.20 -1.79
C ASN A 404 21.68 19.98 -3.05
N ALA A 405 21.26 19.28 -4.07
CA ALA A 405 20.40 19.80 -5.14
C ALA A 405 19.15 20.57 -4.67
N VAL A 406 18.32 19.96 -3.84
CA VAL A 406 17.13 20.60 -3.40
C VAL A 406 17.48 21.91 -2.65
N ASP A 407 18.47 21.86 -1.76
CA ASP A 407 18.86 22.97 -0.96
C ASP A 407 19.43 24.06 -1.87
N SER A 408 19.98 23.70 -3.04
CA SER A 408 20.54 24.72 -3.91
C SER A 408 19.50 25.21 -5.01
N GLY A 409 18.21 24.96 -4.78
CA GLY A 409 17.14 25.48 -5.63
C GLY A 409 16.60 24.55 -6.77
N HIS A 410 17.25 23.42 -7.01
CA HIS A 410 16.78 22.44 -8.03
C HIS A 410 15.49 21.79 -7.59
N THR A 411 14.55 21.69 -8.51
CA THR A 411 13.28 21.05 -8.13
C THR A 411 12.80 20.02 -9.20
N THR A 412 13.49 19.98 -10.34
CA THR A 412 13.11 19.06 -11.44
C THR A 412 14.17 17.97 -11.55
N PHE A 413 13.65 16.77 -11.32
CA PHE A 413 14.48 15.53 -11.37
C PHE A 413 13.95 14.60 -12.44
N LEU A 414 14.80 14.40 -13.44
CA LEU A 414 14.48 13.52 -14.53
C LEU A 414 15.37 12.26 -14.55
N GLU A 415 14.75 11.10 -14.38
CA GLU A 415 15.49 9.84 -14.43
C GLU A 415 15.48 9.27 -15.84
N LEU A 416 16.67 9.06 -16.35
CA LEU A 416 16.94 8.30 -17.54
C LEU A 416 17.14 6.85 -17.09
N ALA A 417 16.18 6.01 -17.38
CA ALA A 417 16.17 4.65 -16.89
C ALA A 417 15.17 3.81 -17.74
N PRO A 418 15.38 2.47 -17.82
CA PRO A 418 14.44 1.59 -18.44
C PRO A 418 13.28 1.38 -17.51
N ASN A 419 13.41 1.76 -16.23
CA ASN A 419 12.31 1.68 -15.28
C ASN A 419 12.63 2.69 -14.14
N PRO A 420 11.63 3.43 -13.66
CA PRO A 420 12.03 4.59 -12.85
C PRO A 420 12.24 4.37 -11.30
N VAL A 421 13.02 3.38 -10.88
CA VAL A 421 13.14 3.08 -9.45
C VAL A 421 13.82 4.18 -8.61
N ALA A 422 14.87 4.81 -9.12
CA ALA A 422 15.49 5.86 -8.34
C ALA A 422 14.60 7.14 -8.06
N LEU A 423 13.62 7.45 -8.90
CA LEU A 423 12.69 8.57 -8.54
C LEU A 423 11.84 8.30 -7.36
N MET A 424 11.51 7.04 -7.05
CA MET A 424 10.84 6.91 -5.78
C MET A 424 11.79 7.25 -4.64
N GLN A 425 13.10 7.04 -4.83
CA GLN A 425 14.03 7.35 -3.73
C GLN A 425 14.14 8.84 -3.68
N VAL A 426 14.25 9.47 -4.86
CA VAL A 426 14.34 10.93 -4.94
C VAL A 426 13.17 11.60 -4.20
N ALA A 427 11.98 11.06 -4.39
CA ALA A 427 10.80 11.62 -3.72
C ALA A 427 10.94 11.57 -2.23
N LEU A 428 11.53 10.49 -1.71
CA LEU A 428 11.66 10.41 -0.25
C LEU A 428 12.57 11.55 0.23
N THR A 429 13.69 11.82 -0.45
CA THR A 429 14.51 12.97 -0.05
C THR A 429 13.84 14.38 -0.25
N THR A 430 13.27 14.63 -1.42
CA THR A 430 12.58 15.90 -1.67
C THR A 430 11.59 16.22 -0.57
N ALA A 431 10.73 15.26 -0.28
CA ALA A 431 9.77 15.42 0.82
C ALA A 431 10.45 15.71 2.16
N ASP A 432 11.55 15.03 2.44
CA ASP A 432 12.15 15.19 3.77
C ASP A 432 12.71 16.59 3.84
N ALA A 433 13.13 17.15 2.70
CA ALA A 433 13.81 18.44 2.75
C ALA A 433 12.80 19.59 2.73
N GLY A 434 11.50 19.29 2.76
CA GLY A 434 10.51 20.37 2.62
C GLY A 434 9.99 20.65 1.20
N LEU A 435 10.59 20.02 0.18
CA LEU A 435 10.12 20.17 -1.20
C LEU A 435 9.02 19.20 -1.50
N HIS A 436 7.80 19.62 -1.27
CA HIS A 436 6.65 18.76 -1.45
C HIS A 436 6.00 18.77 -2.79
N ASP A 437 6.59 19.40 -3.81
CA ASP A 437 5.98 19.43 -5.15
C ASP A 437 7.04 19.50 -6.20
N ALA A 438 8.05 18.67 -6.06
CA ALA A 438 9.13 18.59 -7.03
C ALA A 438 8.54 18.09 -8.34
N GLN A 439 9.22 18.36 -9.44
CA GLN A 439 8.84 17.82 -10.74
C GLN A 439 9.65 16.50 -10.94
N LEU A 440 9.05 15.35 -10.69
CA LEU A 440 9.75 14.03 -10.77
C LEU A 440 9.42 13.40 -12.12
N ILE A 441 10.33 13.51 -13.08
CA ILE A 441 10.08 13.10 -14.45
C ILE A 441 10.77 11.75 -14.84
N PRO A 442 10.00 10.67 -15.03
CA PRO A 442 10.58 9.37 -15.53
C PRO A 442 10.71 9.30 -17.00
N THR A 443 11.47 8.30 -17.50
CA THR A 443 11.62 8.13 -18.94
C THR A 443 10.89 6.80 -19.18
N LEU A 444 11.57 5.75 -19.64
CA LEU A 444 10.90 4.48 -19.93
C LEU A 444 10.38 3.70 -18.68
N ALA A 445 9.48 2.77 -18.91
CA ALA A 445 8.99 1.97 -17.82
C ALA A 445 8.47 0.64 -18.32
N ARG A 446 8.56 -0.39 -17.48
CA ARG A 446 8.18 -1.71 -17.93
C ARG A 446 6.67 -1.64 -17.93
N LYS A 447 6.01 -2.22 -18.93
CA LYS A 447 4.52 -2.15 -18.94
C LYS A 447 3.97 -0.78 -19.43
N GLN A 448 4.77 0.01 -20.15
CA GLN A 448 4.28 1.27 -20.68
C GLN A 448 4.91 1.37 -22.02
N ASP A 449 4.11 1.81 -23.01
CA ASP A 449 4.66 2.03 -24.34
C ASP A 449 5.79 3.06 -24.25
N GLU A 450 6.94 2.68 -24.78
CA GLU A 450 8.17 3.45 -24.69
C GLU A 450 8.16 4.71 -25.55
N VAL A 451 7.50 4.66 -26.71
CA VAL A 451 7.39 5.85 -27.53
C VAL A 451 6.48 6.86 -26.76
N SER A 452 5.36 6.43 -26.21
CA SER A 452 4.51 7.29 -25.43
C SER A 452 5.23 7.94 -24.25
N SER A 453 6.02 7.12 -23.60
CA SER A 453 6.65 7.53 -22.39
C SER A 453 7.54 8.70 -22.69
N MET A 454 8.29 8.60 -23.78
CA MET A 454 9.19 9.64 -24.12
C MET A 454 8.38 10.92 -24.50
N VAL A 455 7.23 10.72 -25.16
CA VAL A 455 6.46 11.85 -25.55
C VAL A 455 6.09 12.55 -24.27
N SER A 456 5.61 11.79 -23.33
CA SER A 456 5.08 12.38 -22.17
C SER A 456 6.21 13.03 -21.29
N THR A 457 7.44 12.64 -21.48
CA THR A 457 8.56 13.13 -20.68
C THR A 457 8.96 14.48 -21.27
N MET A 458 8.93 14.55 -22.61
CA MET A 458 9.20 15.74 -23.34
C MET A 458 8.09 16.80 -23.09
N ALA A 459 6.83 16.36 -23.00
CA ALA A 459 5.77 17.24 -22.70
C ALA A 459 6.02 17.89 -21.34
N GLN A 460 6.54 17.12 -20.39
CA GLN A 460 6.69 17.66 -19.06
C GLN A 460 7.80 18.65 -19.06
N LEU A 461 8.89 18.34 -19.75
CA LEU A 461 9.97 19.26 -19.78
C LEU A 461 9.46 20.61 -20.33
N TYR A 462 8.85 20.54 -21.53
CA TYR A 462 8.23 21.69 -22.15
C TYR A 462 7.34 22.50 -21.18
N VAL A 463 6.40 21.82 -20.57
CA VAL A 463 5.49 22.48 -19.71
C VAL A 463 6.12 23.33 -18.59
N TYR A 464 7.27 22.93 -18.08
CA TYR A 464 7.84 23.53 -16.88
C TYR A 464 8.82 24.59 -17.33
N GLY A 465 8.94 24.76 -18.65
CA GLY A 465 9.74 25.84 -19.18
C GLY A 465 11.19 25.47 -19.47
N HIS A 466 11.58 24.22 -19.30
CA HIS A 466 12.94 23.81 -19.50
C HIS A 466 13.23 23.72 -20.96
N ASP A 467 14.46 23.87 -21.37
CA ASP A 467 14.75 23.70 -22.80
C ASP A 467 14.11 22.44 -23.36
N LEU A 468 13.44 22.58 -24.51
CA LEU A 468 12.75 21.51 -25.20
C LEU A 468 12.06 22.16 -26.37
N ASP A 469 12.55 21.91 -27.58
CA ASP A 469 11.89 22.44 -28.76
C ASP A 469 10.72 21.58 -29.19
N ILE A 470 9.54 21.90 -28.70
CA ILE A 470 8.37 21.09 -28.93
C ILE A 470 7.96 20.96 -30.43
N ARG A 471 8.46 21.84 -31.29
CA ARG A 471 8.18 21.68 -32.72
C ARG A 471 8.77 20.37 -33.14
N THR A 472 9.95 20.00 -32.58
CA THR A 472 10.62 18.72 -32.96
C THR A 472 9.82 17.45 -32.56
N LEU A 473 8.79 17.55 -31.77
CA LEU A 473 7.91 16.38 -31.55
C LEU A 473 6.95 16.05 -32.71
N PHE A 474 7.03 16.74 -33.84
CA PHE A 474 6.21 16.42 -35.04
C PHE A 474 7.09 16.45 -36.24
N SER A 475 6.88 15.56 -37.21
CA SER A 475 7.69 15.64 -38.47
C SER A 475 7.28 16.87 -39.26
N ARG A 476 8.22 17.39 -40.08
CA ARG A 476 7.95 18.48 -41.03
C ARG A 476 6.64 18.19 -41.82
N ALA A 477 5.69 19.14 -41.85
CA ALA A 477 4.57 19.15 -42.80
C ALA A 477 5.06 18.89 -44.22
N SER A 478 4.38 18.01 -44.94
CA SER A 478 4.59 17.87 -46.40
C SER A 478 3.54 18.76 -47.12
N GLY A 479 2.27 18.61 -46.73
CA GLY A 479 1.21 19.42 -47.29
C GLY A 479 0.37 20.07 -46.20
N PRO A 480 -0.74 20.70 -46.59
CA PRO A 480 -1.48 21.50 -45.66
C PRO A 480 -2.40 20.65 -44.79
N GLN A 481 -2.64 19.40 -45.17
CA GLN A 481 -3.53 18.63 -44.31
C GLN A 481 -2.77 18.19 -43.08
N ASP A 482 -1.47 18.50 -43.06
CA ASP A 482 -0.63 18.32 -41.88
C ASP A 482 -0.80 19.42 -40.82
N TYR A 483 -1.63 20.45 -41.13
CA TYR A 483 -2.05 21.48 -40.15
C TYR A 483 -3.52 21.45 -39.88
N ALA A 484 -3.92 22.13 -38.82
CA ALA A 484 -5.33 22.25 -38.49
C ALA A 484 -5.71 23.72 -38.59
N ASN A 485 -7.00 24.00 -38.76
CA ASN A 485 -7.57 25.37 -38.63
C ASN A 485 -7.89 25.82 -37.19
N ILE A 486 -6.86 25.82 -36.33
CA ILE A 486 -7.05 26.01 -34.88
C ILE A 486 -7.41 27.47 -34.54
N PRO A 487 -8.48 27.68 -33.71
CA PRO A 487 -9.02 29.03 -33.37
C PRO A 487 -7.94 29.94 -32.78
N PRO A 488 -7.64 31.08 -33.45
CA PRO A 488 -6.43 31.86 -33.14
C PRO A 488 -6.57 32.84 -31.95
N GLU B 25 -7.80 21.66 18.47
CA GLU B 25 -7.82 20.92 19.79
C GLU B 25 -9.28 20.71 20.19
N LEU B 26 -9.59 19.64 20.91
CA LEU B 26 -11.00 19.20 20.98
C LEU B 26 -11.66 19.25 22.38
N PRO B 27 -13.00 19.14 22.45
CA PRO B 27 -13.69 18.89 23.73
C PRO B 27 -13.05 17.78 24.60
N GLY B 28 -12.93 17.97 25.90
CA GLY B 28 -12.64 16.87 26.78
C GLY B 28 -13.92 16.11 27.09
N VAL B 29 -13.83 15.21 28.03
CA VAL B 29 -14.96 14.44 28.46
C VAL B 29 -15.95 15.25 29.36
N THR B 30 -17.26 15.08 29.20
CA THR B 30 -18.22 15.92 29.88
C THR B 30 -18.31 15.61 31.36
N GLU B 31 -18.83 16.61 32.10
CA GLU B 31 -19.02 16.48 33.56
C GLU B 31 -20.03 15.41 33.87
N GLU B 32 -21.10 15.37 33.08
CA GLU B 32 -22.08 14.31 33.22
C GLU B 32 -21.44 12.87 32.96
N ALA B 33 -20.62 12.75 31.89
CA ALA B 33 -19.80 11.50 31.67
C ALA B 33 -19.01 11.14 32.94
N LEU B 34 -18.24 12.13 33.42
CA LEU B 34 -17.46 11.94 34.67
C LEU B 34 -18.31 11.48 35.82
N ARG B 35 -19.53 11.99 35.90
CA ARG B 35 -20.36 11.70 37.02
C ARG B 35 -20.83 10.26 36.92
N LEU B 36 -21.24 9.90 35.70
CA LEU B 36 -21.63 8.49 35.35
C LEU B 36 -20.48 7.49 35.62
N LYS B 37 -19.30 7.88 35.15
CA LYS B 37 -18.07 7.09 35.37
C LYS B 37 -17.91 6.74 36.87
N GLU B 38 -17.87 7.80 37.73
CA GLU B 38 -17.62 7.65 39.19
C GLU B 38 -18.69 6.79 39.76
N ALA B 39 -19.92 7.02 39.30
CA ALA B 39 -21.06 6.19 39.74
C ALA B 39 -20.85 4.74 39.33
N ALA B 40 -20.55 4.52 38.04
CA ALA B 40 -20.39 3.14 37.53
C ALA B 40 -19.19 2.41 38.18
N LEU B 41 -18.11 3.14 38.49
CA LEU B 41 -16.95 2.54 39.20
C LEU B 41 -17.30 2.14 40.62
N GLU B 42 -18.25 2.84 41.21
CA GLU B 42 -18.67 2.59 42.55
C GLU B 42 -19.49 1.28 42.54
N GLU B 43 -20.32 1.12 41.52
CA GLU B 43 -21.17 -0.07 41.48
C GLU B 43 -20.30 -1.34 41.21
N LEU B 44 -19.25 -1.13 40.39
CA LEU B 44 -18.37 -2.19 39.93
C LEU B 44 -17.58 -2.66 41.13
N ALA B 45 -17.01 -1.72 41.88
CA ALA B 45 -16.27 -2.06 43.07
C ALA B 45 -17.19 -2.83 44.05
N ALA B 46 -18.48 -2.59 44.02
CA ALA B 46 -19.36 -3.32 44.91
C ALA B 46 -19.72 -4.73 44.41
N GLN B 47 -19.37 -5.11 43.17
CA GLN B 47 -19.66 -6.53 42.77
C GLN B 47 -18.62 -7.51 43.36
N GLU B 48 -19.01 -8.78 43.58
CA GLU B 48 -18.05 -9.87 43.95
C GLU B 48 -16.90 -9.93 42.90
N VAL B 49 -15.67 -10.27 43.29
CA VAL B 49 -14.62 -10.36 42.24
C VAL B 49 -14.75 -11.71 41.48
N THR B 50 -14.49 -11.70 40.18
CA THR B 50 -14.39 -12.95 39.47
C THR B 50 -12.92 -13.20 39.14
N ALA B 51 -12.59 -14.48 39.11
CA ALA B 51 -11.28 -14.98 38.72
C ALA B 51 -10.98 -14.57 37.25
N PRO B 52 -9.91 -13.76 37.07
CA PRO B 52 -9.50 -13.39 35.72
C PRO B 52 -9.35 -14.62 34.81
N LEU B 53 -9.60 -14.47 33.52
CA LEU B 53 -9.30 -15.60 32.60
C LEU B 53 -7.83 -15.51 32.21
N VAL B 54 -7.04 -16.51 32.60
CA VAL B 54 -5.59 -16.42 32.26
C VAL B 54 -5.23 -17.23 31.02
N PRO B 55 -4.53 -16.61 30.03
CA PRO B 55 -4.10 -17.32 28.83
C PRO B 55 -2.75 -18.05 29.12
N LEU B 56 -2.76 -19.38 29.01
CA LEU B 56 -1.49 -20.13 29.19
C LEU B 56 -1.00 -20.63 27.80
N ALA B 57 0.03 -19.94 27.25
CA ALA B 57 0.73 -20.35 26.04
C ALA B 57 1.78 -21.50 26.20
N VAL B 58 1.70 -22.46 25.24
CA VAL B 58 2.56 -23.65 25.09
C VAL B 58 2.84 -23.78 23.59
N SER B 59 4.14 -23.87 23.24
CA SER B 59 4.47 -23.85 21.83
C SER B 59 5.74 -24.63 21.65
N ALA B 60 5.94 -25.10 20.42
CA ALA B 60 7.19 -25.88 20.10
C ALA B 60 7.41 -25.80 18.60
N PHE B 61 8.53 -26.34 18.14
CA PHE B 61 8.71 -26.48 16.67
C PHE B 61 7.69 -27.45 16.03
N LEU B 62 7.20 -28.41 16.79
CA LEU B 62 6.34 -29.45 16.24
C LEU B 62 5.18 -29.72 17.21
N THR B 63 3.99 -29.98 16.68
CA THR B 63 2.93 -30.46 17.54
C THR B 63 3.31 -31.54 18.60
N SER B 64 4.07 -32.57 18.19
CA SER B 64 4.54 -33.66 19.10
C SER B 64 5.31 -33.18 20.31
N ARG B 65 6.15 -32.17 20.12
CA ARG B 65 6.87 -31.55 21.22
C ARG B 65 5.91 -30.68 22.09
N LYS B 66 4.94 -30.05 21.45
CA LYS B 66 4.01 -29.17 22.17
C LYS B 66 3.16 -30.04 23.12
N LYS B 67 2.71 -31.17 22.58
CA LYS B 67 1.92 -32.13 23.38
C LYS B 67 2.68 -32.56 24.65
N ALA B 68 3.95 -32.85 24.48
CA ALA B 68 4.79 -33.33 25.53
C ALA B 68 5.07 -32.20 26.51
N ALA B 69 5.38 -31.03 25.99
CA ALA B 69 5.55 -29.82 26.84
C ALA B 69 4.28 -29.55 27.69
N ALA B 70 3.13 -29.74 27.10
CA ALA B 70 1.85 -29.50 27.79
C ALA B 70 1.54 -30.54 28.88
N ALA B 71 1.78 -31.83 28.61
CA ALA B 71 1.66 -32.84 29.71
C ALA B 71 2.66 -32.57 30.81
N GLU B 72 3.85 -32.11 30.45
CA GLU B 72 4.82 -31.81 31.50
C GLU B 72 4.43 -30.62 32.32
N LEU B 73 3.91 -29.57 31.66
CA LEU B 73 3.40 -28.41 32.38
C LEU B 73 2.25 -28.80 33.31
N ALA B 74 1.37 -29.67 32.83
CA ALA B 74 0.26 -30.11 33.68
C ALA B 74 0.80 -30.90 34.91
N ASP B 75 1.83 -31.74 34.68
CA ASP B 75 2.36 -32.53 35.82
C ASP B 75 2.96 -31.55 36.84
N TRP B 76 3.70 -30.59 36.38
CA TRP B 76 4.22 -29.65 37.28
C TRP B 76 3.11 -28.88 38.00
N MET B 77 2.04 -28.55 37.31
CA MET B 77 0.93 -27.80 37.91
C MET B 77 0.25 -28.58 39.06
N GLN B 78 0.11 -29.89 38.88
CA GLN B 78 -0.44 -30.77 39.93
C GLN B 78 0.49 -30.95 41.14
N SER B 79 1.76 -30.63 40.99
CA SER B 79 2.77 -30.95 42.00
C SER B 79 2.76 -29.85 43.02
N PRO B 80 3.34 -30.08 44.19
CA PRO B 80 3.35 -29.05 45.28
C PRO B 80 3.86 -27.64 44.87
N GLU B 81 4.90 -27.56 44.04
CA GLU B 81 5.42 -26.24 43.61
C GLU B 81 4.50 -25.54 42.60
N GLY B 82 3.84 -26.32 41.76
CA GLY B 82 2.89 -25.79 40.84
C GLY B 82 1.62 -25.36 41.54
N GLN B 83 1.10 -26.23 42.42
CA GLN B 83 -0.02 -25.86 43.30
C GLN B 83 0.26 -24.60 44.09
N ALA B 84 1.52 -24.30 44.36
CA ALA B 84 1.76 -23.13 45.18
C ALA B 84 2.03 -21.92 44.28
N SER B 85 2.06 -22.07 42.97
CA SER B 85 2.32 -20.88 42.15
C SER B 85 0.99 -20.26 41.67
N SER B 86 0.87 -18.94 41.65
CA SER B 86 -0.33 -18.29 41.10
C SER B 86 -0.46 -18.52 39.60
N LEU B 87 -1.70 -18.64 39.16
CA LEU B 87 -1.96 -18.84 37.80
C LEU B 87 -1.38 -17.74 36.96
N GLU B 88 -1.52 -16.50 37.43
CA GLU B 88 -1.01 -15.40 36.65
C GLU B 88 0.50 -15.49 36.42
N SER B 89 1.27 -15.84 37.49
CA SER B 89 2.74 -16.00 37.38
C SER B 89 3.09 -17.16 36.42
N ILE B 90 2.33 -18.21 36.46
CA ILE B 90 2.48 -19.26 35.45
C ILE B 90 2.30 -18.67 34.05
N GLY B 91 1.23 -17.87 33.82
CA GLY B 91 1.02 -17.32 32.48
C GLY B 91 2.15 -16.46 32.03
N ARG B 92 2.66 -15.64 32.94
CA ARG B 92 3.69 -14.67 32.58
C ARG B 92 4.97 -15.36 32.13
N SER B 93 5.37 -16.35 32.91
CA SER B 93 6.58 -17.18 32.63
C SER B 93 6.36 -17.82 31.25
N LEU B 94 5.21 -18.48 31.04
CA LEU B 94 4.93 -18.96 29.68
C LEU B 94 5.07 -17.92 28.61
N SER B 95 4.77 -16.66 28.91
CA SER B 95 4.65 -15.71 27.84
C SER B 95 6.02 -15.29 27.37
N ARG B 96 7.00 -15.48 28.24
CA ARG B 96 8.39 -15.17 27.95
C ARG B 96 9.17 -16.27 27.21
N ARG B 97 8.65 -17.49 27.10
CA ARG B 97 9.27 -18.48 26.25
C ARG B 97 9.32 -17.98 24.82
N ASN B 98 10.19 -18.60 24.05
CA ASN B 98 10.17 -18.47 22.59
C ASN B 98 8.92 -19.08 22.01
N HIS B 99 8.28 -18.40 21.06
CA HIS B 99 7.02 -18.92 20.61
C HIS B 99 7.16 -19.61 19.31
N GLY B 100 7.02 -20.93 19.33
CA GLY B 100 7.35 -21.76 18.15
C GLY B 100 6.19 -21.72 17.20
N ARG B 101 6.36 -22.38 16.08
CA ARG B 101 5.35 -22.41 15.03
C ARG B 101 4.10 -23.21 15.40
N SER B 102 4.20 -24.17 16.34
CA SER B 102 3.03 -24.99 16.65
C SER B 102 2.63 -24.48 18.00
N ARG B 103 1.40 -23.97 18.12
CA ARG B 103 1.04 -23.27 19.32
C ARG B 103 -0.27 -23.76 19.88
N ALA B 104 -0.47 -23.48 21.17
CA ALA B 104 -1.75 -23.76 21.83
C ALA B 104 -1.85 -22.74 22.97
N VAL B 105 -3.07 -22.42 23.41
CA VAL B 105 -3.30 -21.61 24.59
C VAL B 105 -4.40 -22.32 25.32
N VAL B 106 -4.22 -22.45 26.63
CA VAL B 106 -5.24 -22.96 27.54
C VAL B 106 -5.79 -21.74 28.31
N LEU B 107 -7.10 -21.52 28.21
CA LEU B 107 -7.76 -20.39 28.87
C LEU B 107 -8.32 -20.87 30.23
N ALA B 108 -7.83 -20.32 31.34
CA ALA B 108 -8.15 -20.93 32.65
C ALA B 108 -8.39 -19.88 33.74
N HIS B 109 -9.29 -20.22 34.66
CA HIS B 109 -9.63 -19.36 35.80
C HIS B 109 -8.91 -19.86 37.01
N ASP B 110 -8.62 -21.15 37.07
CA ASP B 110 -7.87 -21.67 38.19
C ASP B 110 -7.04 -22.90 37.76
N HIS B 111 -6.33 -23.51 38.73
CA HIS B 111 -5.36 -24.58 38.42
C HIS B 111 -6.03 -25.76 37.76
N ASP B 112 -7.16 -26.24 38.30
CA ASP B 112 -7.87 -27.40 37.70
C ASP B 112 -8.29 -27.16 36.26
N GLU B 113 -8.83 -26.01 35.95
CA GLU B 113 -9.11 -25.74 34.54
C GLU B 113 -7.82 -25.78 33.67
N ALA B 114 -6.72 -25.28 34.22
CA ALA B 114 -5.45 -25.22 33.50
C ALA B 114 -4.98 -26.63 33.18
N ILE B 115 -5.00 -27.48 34.20
CA ILE B 115 -4.50 -28.85 34.12
C ILE B 115 -5.38 -29.58 33.09
N LYS B 116 -6.68 -29.52 33.28
CA LYS B 116 -7.64 -30.19 32.36
C LYS B 116 -7.41 -29.71 30.90
N GLY B 117 -7.29 -28.42 30.68
CA GLY B 117 -6.92 -27.90 29.36
C GLY B 117 -5.58 -28.47 28.87
N LEU B 118 -4.57 -28.42 29.73
CA LEU B 118 -3.28 -28.86 29.28
C LEU B 118 -3.35 -30.34 28.88
N ARG B 119 -4.13 -31.10 29.62
CA ARG B 119 -4.28 -32.52 29.30
C ARG B 119 -4.96 -32.70 27.99
N ALA B 120 -5.87 -31.79 27.63
CA ALA B 120 -6.55 -31.90 26.35
C ALA B 120 -5.56 -31.58 25.24
N VAL B 121 -4.73 -30.56 25.46
CA VAL B 121 -3.69 -30.23 24.47
C VAL B 121 -2.77 -31.44 24.29
N ALA B 122 -2.37 -32.08 25.40
CA ALA B 122 -1.38 -33.19 25.36
C ALA B 122 -1.97 -34.40 24.58
N ALA B 123 -3.24 -34.66 24.82
CA ALA B 123 -4.00 -35.73 24.17
C ALA B 123 -4.52 -35.41 22.74
N GLY B 124 -4.20 -34.23 22.19
CA GLY B 124 -4.78 -33.80 20.89
C GLY B 124 -6.31 -33.80 20.83
N LYS B 125 -6.97 -33.65 21.99
CA LYS B 125 -8.42 -33.49 22.13
C LYS B 125 -8.84 -32.02 22.14
N GLN B 126 -10.01 -31.74 21.56
CA GLN B 126 -10.57 -30.39 21.60
C GLN B 126 -11.22 -30.10 22.88
N ALA B 127 -11.25 -28.81 23.23
CA ALA B 127 -12.05 -28.37 24.39
C ALA B 127 -12.38 -26.89 24.17
N PRO B 128 -13.49 -26.43 24.75
CA PRO B 128 -13.89 -25.04 24.47
C PRO B 128 -12.86 -24.03 24.92
N ASN B 129 -12.15 -24.32 26.00
CA ASN B 129 -11.19 -23.33 26.54
C ASN B 129 -9.73 -23.53 26.03
N VAL B 130 -9.60 -24.25 24.92
CA VAL B 130 -8.29 -24.63 24.36
C VAL B 130 -8.31 -24.30 22.90
N PHE B 131 -7.29 -23.56 22.46
CA PHE B 131 -6.97 -23.29 21.05
C PHE B 131 -5.62 -23.86 20.71
N SER B 132 -5.54 -24.55 19.56
CA SER B 132 -4.37 -25.35 19.23
C SER B 132 -4.21 -25.55 17.73
N VAL B 133 -3.01 -25.39 17.18
CA VAL B 133 -2.86 -25.61 15.77
C VAL B 133 -1.45 -26.18 15.39
N ASP B 134 -1.33 -26.88 14.26
CA ASP B 134 -0.04 -27.55 14.10
C ASP B 134 1.05 -26.57 13.60
N GLY B 135 0.66 -25.46 12.97
CA GLY B 135 1.62 -24.44 12.53
C GLY B 135 0.83 -23.22 12.08
N PRO B 136 1.50 -22.15 11.63
CA PRO B 136 0.78 -20.90 11.33
C PRO B 136 -0.11 -20.94 10.11
N VAL B 137 -1.15 -20.11 10.16
CA VAL B 137 -2.14 -19.97 9.09
C VAL B 137 -1.38 -19.22 7.98
N THR B 138 -1.68 -19.40 6.71
CA THR B 138 -0.76 -18.79 5.77
C THR B 138 -1.03 -17.27 5.51
N THR B 139 -2.27 -16.81 5.63
CA THR B 139 -2.66 -15.40 5.34
C THR B 139 -3.19 -14.72 6.63
N GLY B 140 -2.96 -13.41 6.72
CA GLY B 140 -3.42 -12.61 7.86
C GLY B 140 -4.95 -12.52 8.02
N PRO B 141 -5.39 -11.95 9.13
CA PRO B 141 -6.82 -11.90 9.45
C PRO B 141 -7.51 -10.86 8.57
N VAL B 142 -8.75 -11.17 8.22
CA VAL B 142 -9.65 -10.14 7.62
C VAL B 142 -10.41 -9.58 8.82
N TRP B 143 -10.39 -8.26 9.01
CA TRP B 143 -11.19 -7.70 10.12
C TRP B 143 -12.56 -7.38 9.59
N VAL B 144 -13.60 -7.91 10.23
CA VAL B 144 -14.98 -7.67 9.88
C VAL B 144 -15.54 -6.45 10.63
N LEU B 145 -16.04 -5.44 9.90
CA LEU B 145 -16.75 -4.34 10.57
C LEU B 145 -18.24 -4.31 10.16
N ALA B 146 -19.11 -4.82 11.02
CA ALA B 146 -20.54 -4.82 10.67
C ALA B 146 -21.32 -3.84 11.53
N GLY B 147 -22.32 -4.36 12.25
CA GLY B 147 -23.11 -3.52 13.11
C GLY B 147 -24.56 -3.81 13.24
N PHE B 148 -25.16 -4.22 12.14
CA PHE B 148 -26.56 -4.39 12.11
C PHE B 148 -26.95 -5.45 13.12
N GLY B 149 -27.93 -5.20 13.97
CA GLY B 149 -28.40 -6.25 14.89
C GLY B 149 -27.53 -6.44 16.11
N ALA B 150 -26.42 -5.72 16.17
CA ALA B 150 -25.42 -5.96 17.20
C ALA B 150 -25.59 -5.12 18.49
N GLN B 151 -26.38 -4.05 18.48
CA GLN B 151 -26.66 -3.13 19.66
C GLN B 151 -27.20 -3.88 20.84
N HIS B 152 -26.86 -3.45 22.04
CA HIS B 152 -27.46 -3.96 23.29
C HIS B 152 -27.17 -2.93 24.32
N ARG B 153 -28.00 -2.91 25.36
CA ARG B 153 -28.07 -1.79 26.29
C ARG B 153 -26.71 -1.37 26.82
N LYS B 154 -26.07 -2.29 27.55
CA LYS B 154 -24.81 -2.00 28.22
C LYS B 154 -23.57 -2.15 27.32
N MET B 155 -23.77 -2.36 26.01
CA MET B 155 -22.63 -2.58 25.10
C MET B 155 -21.42 -1.68 25.36
N GLY B 156 -20.27 -2.31 25.58
CA GLY B 156 -19.01 -1.57 25.67
C GLY B 156 -18.71 -0.92 27.02
N LYS B 157 -19.69 -0.91 27.93
CA LYS B 157 -19.50 -0.20 29.19
C LYS B 157 -18.41 -0.87 30.04
N SER B 158 -18.55 -2.19 30.25
CA SER B 158 -17.64 -2.87 31.10
C SER B 158 -16.18 -2.73 30.63
N LEU B 159 -15.95 -2.84 29.33
CA LEU B 159 -14.55 -2.76 28.90
C LEU B 159 -14.09 -1.34 29.05
N TYR B 160 -15.01 -0.37 28.91
CA TYR B 160 -14.65 1.03 29.20
C TYR B 160 -14.09 1.20 30.66
N LEU B 161 -14.70 0.56 31.63
CA LEU B 161 -14.36 0.74 33.03
C LEU B 161 -13.04 -0.01 33.28
N ARG B 162 -12.93 -1.21 32.71
CA ARG B 162 -11.83 -2.10 33.01
C ARG B 162 -10.65 -2.12 32.03
N ASN B 163 -10.63 -1.26 31.02
CA ASN B 163 -9.47 -1.28 30.12
C ASN B 163 -9.05 0.07 29.59
N GLU B 164 -7.85 0.48 29.96
CA GLU B 164 -7.41 1.84 29.75
C GLU B 164 -7.08 2.20 28.33
N VAL B 165 -6.59 1.23 27.53
CA VAL B 165 -6.36 1.50 26.08
C VAL B 165 -7.72 1.70 25.36
N PHE B 166 -8.64 0.78 25.65
CA PHE B 166 -9.99 0.82 25.12
C PHE B 166 -10.64 2.18 25.49
N ALA B 167 -10.74 2.48 26.80
CA ALA B 167 -11.33 3.76 27.30
C ALA B 167 -10.71 4.96 26.61
N ALA B 168 -9.39 4.96 26.46
CA ALA B 168 -8.75 6.07 25.75
C ALA B 168 -9.21 6.28 24.32
N TRP B 169 -9.45 5.21 23.56
CA TRP B 169 -9.97 5.39 22.17
C TRP B 169 -11.45 5.73 22.17
N ILE B 170 -12.25 5.14 23.05
CA ILE B 170 -13.61 5.58 23.22
C ILE B 170 -13.65 7.12 23.40
N GLU B 171 -12.99 7.60 24.45
CA GLU B 171 -12.83 9.01 24.71
C GLU B 171 -12.43 9.80 23.46
N LYS B 172 -11.47 9.29 22.69
CA LYS B 172 -11.02 10.05 21.52
C LYS B 172 -12.18 10.16 20.47
N VAL B 173 -13.05 9.16 20.39
CA VAL B 173 -14.10 9.15 19.36
C VAL B 173 -15.23 10.01 19.91
N ASP B 174 -15.54 9.80 21.18
CA ASP B 174 -16.47 10.65 21.92
C ASP B 174 -16.16 12.14 21.75
N ALA B 175 -14.90 12.53 21.88
CA ALA B 175 -14.52 13.92 21.57
C ALA B 175 -14.80 14.31 20.11
N LEU B 176 -14.52 13.40 19.18
CA LEU B 176 -14.70 13.71 17.78
C LEU B 176 -16.15 13.87 17.43
N VAL B 177 -17.01 13.05 18.06
CA VAL B 177 -18.45 13.07 17.84
C VAL B 177 -19.07 14.33 18.49
N GLN B 178 -18.64 14.68 19.70
CA GLN B 178 -19.08 15.96 20.29
C GLN B 178 -18.81 17.06 19.28
N ASP B 179 -17.57 17.21 18.88
CA ASP B 179 -17.31 18.12 17.80
C ASP B 179 -18.24 18.01 16.56
N GLU B 180 -18.69 16.82 16.15
CA GLU B 180 -19.49 16.78 14.91
C GLU B 180 -20.97 16.97 15.20
N LEU B 181 -21.46 16.34 16.22
CA LEU B 181 -22.89 16.29 16.41
C LEU B 181 -23.37 16.94 17.73
N GLY B 182 -22.42 17.36 18.58
CA GLY B 182 -22.76 18.13 19.75
C GLY B 182 -23.34 17.35 20.91
N TYR B 183 -23.12 16.04 20.98
CA TYR B 183 -23.44 15.26 22.18
C TYR B 183 -22.38 14.14 22.51
N SER B 184 -22.57 13.42 23.61
CA SER B 184 -21.54 12.49 24.04
C SER B 184 -21.96 11.03 23.98
N VAL B 185 -21.21 10.31 23.15
CA VAL B 185 -21.41 8.88 23.06
C VAL B 185 -21.11 8.22 24.43
N LEU B 186 -20.13 8.77 25.15
CA LEU B 186 -19.71 8.17 26.44
C LEU B 186 -20.85 8.18 27.46
N GLU B 187 -21.61 9.28 27.44
CA GLU B 187 -22.75 9.37 28.34
C GLU B 187 -23.73 8.26 28.08
N LEU B 188 -23.93 7.95 26.77
CA LEU B 188 -24.89 6.88 26.46
C LEU B 188 -24.27 5.60 26.88
N ILE B 189 -23.00 5.40 26.54
CA ILE B 189 -22.40 4.15 26.99
C ILE B 189 -22.53 3.95 28.47
N LEU B 190 -22.25 4.99 29.26
CA LEU B 190 -22.16 4.78 30.75
C LEU B 190 -23.50 4.65 31.51
N ASP B 191 -24.56 5.04 30.81
CA ASP B 191 -25.86 5.27 31.47
C ASP B 191 -26.83 4.11 31.21
N ASP B 192 -27.02 3.22 32.18
CA ASP B 192 -27.82 2.03 31.93
C ASP B 192 -29.25 2.36 31.63
N ALA B 193 -29.60 3.61 31.88
CA ALA B 193 -30.96 4.01 31.72
C ALA B 193 -31.17 4.47 30.29
N GLN B 194 -30.13 4.84 29.56
CA GLN B 194 -30.38 5.23 28.17
C GLN B 194 -30.32 4.13 27.07
N ASP B 195 -31.45 4.01 26.33
CA ASP B 195 -31.69 3.12 25.20
C ASP B 195 -31.03 3.84 24.05
N TYR B 196 -30.71 3.13 22.95
CA TYR B 196 -30.15 3.74 21.71
C TYR B 196 -31.24 3.82 20.61
N GLY B 197 -31.07 4.70 19.62
CA GLY B 197 -31.96 4.76 18.45
C GLY B 197 -31.24 4.77 17.08
N ILE B 198 -31.95 5.11 16.05
CA ILE B 198 -31.49 4.88 14.74
C ILE B 198 -30.12 5.55 14.62
N GLU B 199 -30.05 6.80 15.10
CA GLU B 199 -28.82 7.59 14.98
C GLU B 199 -27.72 7.13 15.94
N THR B 200 -28.08 6.96 17.19
CA THR B 200 -27.04 6.90 18.17
C THR B 200 -26.43 5.50 18.18
N THR B 201 -27.25 4.51 17.81
CA THR B 201 -26.84 3.14 17.66
C THR B 201 -25.58 3.13 16.76
N GLN B 202 -25.64 3.81 15.64
CA GLN B 202 -24.64 3.65 14.68
C GLN B 202 -23.36 4.29 15.17
N VAL B 203 -23.44 5.50 15.72
CA VAL B 203 -22.20 6.19 16.14
C VAL B 203 -21.55 5.48 17.32
N THR B 204 -22.34 4.90 18.18
CA THR B 204 -21.84 4.26 19.30
C THR B 204 -21.13 2.90 18.91
N ILE B 205 -21.77 2.04 18.12
CA ILE B 205 -21.10 0.90 17.49
C ILE B 205 -19.77 1.31 16.83
N PHE B 206 -19.78 2.36 16.03
CA PHE B 206 -18.52 2.83 15.45
C PHE B 206 -17.50 3.08 16.60
N ALA B 207 -17.95 3.74 17.68
CA ALA B 207 -16.92 4.08 18.66
C ALA B 207 -16.29 2.81 19.29
N ILE B 208 -17.12 1.84 19.65
CA ILE B 208 -16.66 0.49 20.08
C ILE B 208 -15.74 -0.18 19.00
N GLN B 209 -16.05 0.00 17.73
CA GLN B 209 -15.32 -0.68 16.65
C GLN B 209 -13.96 -0.09 16.63
N ILE B 210 -13.88 1.23 16.69
CA ILE B 210 -12.59 1.91 16.62
C ILE B 210 -11.77 1.50 17.83
N ALA B 211 -12.41 1.46 18.98
CA ALA B 211 -11.61 1.23 20.16
C ALA B 211 -11.16 -0.23 20.27
N LEU B 212 -11.99 -1.17 19.83
CA LEU B 212 -11.65 -2.57 19.85
C LEU B 212 -10.44 -2.78 18.95
N GLY B 213 -10.53 -2.30 17.74
CA GLY B 213 -9.48 -2.41 16.81
C GLY B 213 -8.16 -1.86 17.33
N GLU B 214 -8.17 -0.65 17.93
CA GLU B 214 -6.92 -0.03 18.30
C GLU B 214 -6.39 -0.66 19.61
N LEU B 215 -7.26 -1.26 20.39
CA LEU B 215 -6.79 -2.05 21.52
C LEU B 215 -6.01 -3.33 20.96
N LEU B 216 -6.63 -4.08 20.04
CA LEU B 216 -5.88 -5.11 19.27
C LEU B 216 -4.54 -4.61 18.68
N ARG B 217 -4.50 -3.44 18.06
CA ARG B 217 -3.25 -2.99 17.51
C ARG B 217 -2.21 -2.71 18.63
N HIS B 218 -2.69 -2.30 19.81
CA HIS B 218 -1.79 -1.94 20.89
C HIS B 218 -1.09 -3.20 21.31
N HIS B 219 -1.83 -4.31 21.35
CA HIS B 219 -1.23 -5.60 21.67
C HIS B 219 -0.46 -6.26 20.54
N GLY B 220 -0.12 -5.55 19.48
CA GLY B 220 0.61 -6.15 18.37
C GLY B 220 -0.18 -6.63 17.14
N ALA B 221 -1.51 -6.68 17.21
CA ALA B 221 -2.27 -7.14 16.00
C ALA B 221 -2.43 -6.12 14.90
N LYS B 222 -2.64 -6.63 13.70
CA LYS B 222 -3.06 -5.75 12.62
C LYS B 222 -3.88 -6.57 11.56
N PRO B 223 -4.68 -5.88 10.72
CA PRO B 223 -5.45 -6.67 9.72
C PRO B 223 -4.66 -6.90 8.45
N ALA B 224 -4.90 -8.04 7.84
CA ALA B 224 -4.35 -8.25 6.50
C ALA B 224 -5.34 -7.60 5.50
N ALA B 225 -6.62 -7.72 5.81
CA ALA B 225 -7.64 -7.08 4.97
C ALA B 225 -8.77 -6.65 5.80
N VAL B 226 -9.59 -5.73 5.29
CA VAL B 226 -10.88 -5.50 5.95
C VAL B 226 -12.12 -5.81 5.12
N ILE B 227 -13.24 -6.06 5.82
CA ILE B 227 -14.49 -6.07 5.15
C ILE B 227 -15.54 -5.31 5.96
N GLY B 228 -16.22 -4.37 5.31
CA GLY B 228 -17.36 -3.66 5.97
C GLY B 228 -18.71 -4.24 5.63
N GLN B 229 -19.63 -4.07 6.58
CA GLN B 229 -21.04 -4.31 6.38
C GLN B 229 -21.93 -3.13 6.86
N SER B 230 -22.39 -2.29 5.90
CA SER B 230 -23.37 -1.20 6.15
C SER B 230 -22.83 -0.22 7.19
N LEU B 231 -23.38 -0.10 8.41
CA LEU B 231 -22.82 0.98 9.28
C LEU B 231 -21.27 0.80 9.45
N GLY B 232 -20.82 -0.44 9.42
CA GLY B 232 -19.42 -0.82 9.62
C GLY B 232 -18.47 -0.28 8.59
N GLU B 233 -19.01 0.19 7.47
CA GLU B 233 -18.13 0.58 6.43
C GLU B 233 -17.19 1.68 6.86
N ALA B 234 -17.66 2.60 7.69
CA ALA B 234 -16.80 3.74 8.11
C ALA B 234 -15.60 3.25 8.92
N ALA B 235 -15.83 2.41 9.91
CA ALA B 235 -14.71 1.94 10.71
C ALA B 235 -13.72 1.13 9.82
N SER B 236 -14.21 0.54 8.73
CA SER B 236 -13.38 -0.34 7.92
C SER B 236 -12.45 0.52 7.08
N ALA B 237 -12.91 1.72 6.77
CA ALA B 237 -12.07 2.66 5.98
C ALA B 237 -10.95 3.21 6.86
N TYR B 238 -11.27 3.42 8.11
CA TYR B 238 -10.27 3.82 9.05
C TYR B 238 -9.18 2.72 9.15
N PHE B 239 -9.58 1.50 9.49
CA PHE B 239 -8.61 0.45 9.63
C PHE B 239 -7.89 0.09 8.35
N ALA B 240 -8.50 0.34 7.20
CA ALA B 240 -7.85 0.07 5.95
C ALA B 240 -7.00 1.27 5.55
N GLY B 241 -6.90 2.26 6.45
CA GLY B 241 -6.00 3.44 6.25
C GLY B 241 -6.50 4.29 5.09
N GLY B 242 -7.82 4.24 4.88
CA GLY B 242 -8.49 4.93 3.75
C GLY B 242 -8.92 6.34 4.11
N LEU B 243 -9.18 6.55 5.39
CA LEU B 243 -9.62 7.81 5.89
C LEU B 243 -8.98 8.04 7.24
N SER B 244 -8.68 9.31 7.57
CA SER B 244 -8.32 9.65 8.93
C SER B 244 -9.43 9.25 9.87
N LEU B 245 -9.13 9.09 11.16
CA LEU B 245 -10.20 8.88 12.10
C LEU B 245 -11.26 10.03 12.15
N ARG B 246 -10.81 11.25 11.89
CA ARG B 246 -11.68 12.42 11.87
C ARG B 246 -12.65 12.20 10.73
N ASP B 247 -12.08 11.91 9.58
CA ASP B 247 -12.88 11.79 8.38
C ASP B 247 -13.77 10.57 8.38
N ALA B 248 -13.31 9.46 8.94
CA ALA B 248 -14.19 8.28 9.16
C ALA B 248 -15.31 8.62 10.12
N THR B 249 -15.01 9.44 11.11
CA THR B 249 -16.03 9.84 12.08
C THR B 249 -17.11 10.69 11.37
N ARG B 250 -16.67 11.52 10.44
CA ARG B 250 -17.59 12.32 9.66
C ARG B 250 -18.48 11.37 8.92
N ALA B 251 -17.89 10.45 8.16
CA ALA B 251 -18.66 9.54 7.32
C ALA B 251 -19.71 8.81 8.14
N ILE B 252 -19.38 8.34 9.33
CA ILE B 252 -20.45 7.72 10.10
C ILE B 252 -21.50 8.72 10.63
N CYS B 253 -21.04 9.92 10.92
CA CYS B 253 -21.88 10.93 11.61
C CYS B 253 -22.94 11.43 10.61
N SER B 254 -22.51 11.70 9.37
CA SER B 254 -23.45 12.15 8.34
C SER B 254 -24.53 11.19 8.09
N ARG B 255 -24.14 10.00 7.66
CA ARG B 255 -25.08 8.92 7.44
C ARG B 255 -26.04 8.81 8.60
N SER B 256 -25.52 8.84 9.82
N SER B 256 -25.51 8.80 9.81
CA SER B 256 -26.29 8.48 11.02
CA SER B 256 -26.32 8.47 10.96
C SER B 256 -27.32 9.52 11.48
C SER B 256 -27.40 9.53 11.22
N HIS B 257 -27.02 10.80 11.32
CA HIS B 257 -28.01 11.79 11.66
C HIS B 257 -28.98 12.06 10.53
N LEU B 258 -28.50 12.16 9.30
CA LEU B 258 -29.39 12.00 8.12
C LEU B 258 -30.37 10.83 8.22
N MET B 259 -29.91 9.65 8.63
CA MET B 259 -30.89 8.60 8.73
C MET B 259 -31.90 8.88 9.82
N GLY B 260 -31.43 9.33 10.98
CA GLY B 260 -32.33 9.46 12.14
C GLY B 260 -33.39 10.54 11.85
N GLU B 261 -32.95 11.64 11.25
CA GLU B 261 -33.81 12.78 10.83
C GLU B 261 -34.73 12.41 9.68
N GLY B 262 -34.15 11.94 8.56
CA GLY B 262 -34.92 11.41 7.44
C GLY B 262 -36.13 10.56 7.82
N GLU B 263 -36.08 9.91 8.98
CA GLU B 263 -37.09 8.92 9.35
C GLU B 263 -38.22 9.46 10.18
N ALA B 264 -37.84 10.02 11.33
CA ALA B 264 -38.69 10.95 12.06
C ALA B 264 -39.83 11.46 11.13
N MET B 265 -39.50 12.04 9.98
CA MET B 265 -40.53 12.37 8.95
C MET B 265 -40.98 11.22 7.94
N LEU B 266 -41.56 10.12 8.43
CA LEU B 266 -42.05 9.00 7.60
C LEU B 266 -43.14 8.30 8.42
N PHE B 267 -44.19 7.78 7.77
CA PHE B 267 -45.43 7.34 8.45
C PHE B 267 -46.21 6.50 7.45
N GLY B 268 -47.27 5.84 7.93
CA GLY B 268 -48.19 5.10 7.09
C GLY B 268 -47.55 4.25 6.02
N GLU B 269 -47.73 4.64 4.75
CA GLU B 269 -47.36 3.77 3.65
C GLU B 269 -45.84 3.65 3.61
N TYR B 270 -45.16 4.70 4.09
CA TYR B 270 -43.71 4.82 3.95
C TYR B 270 -42.88 4.00 4.97
N ILE B 271 -43.48 3.44 5.99
CA ILE B 271 -42.71 2.79 6.99
C ILE B 271 -42.07 1.52 6.42
N ARG B 272 -40.81 1.30 6.74
CA ARG B 272 -40.15 0.07 6.42
C ARG B 272 -39.49 -0.49 7.64
N LEU B 273 -39.75 -1.73 7.94
CA LEU B 273 -38.96 -2.41 8.96
C LEU B 273 -37.73 -3.04 8.29
N MET B 274 -36.67 -3.30 9.04
CA MET B 274 -35.62 -4.14 8.50
C MET B 274 -35.47 -5.33 9.40
N ALA B 275 -35.05 -6.44 8.80
CA ALA B 275 -34.85 -7.64 9.55
C ALA B 275 -33.80 -8.52 8.89
N LEU B 276 -33.15 -9.33 9.74
CA LEU B 276 -32.36 -10.46 9.34
C LEU B 276 -33.23 -11.74 9.29
N VAL B 277 -33.22 -12.39 8.14
CA VAL B 277 -34.03 -13.62 8.00
C VAL B 277 -33.27 -14.72 7.30
N GLU B 278 -33.65 -15.96 7.60
CA GLU B 278 -32.89 -17.10 7.10
C GLU B 278 -33.47 -17.59 5.79
N TYR B 279 -33.45 -16.71 4.80
CA TYR B 279 -33.81 -17.00 3.43
C TYR B 279 -32.78 -16.38 2.53
N SER B 280 -32.53 -17.05 1.42
CA SER B 280 -31.56 -16.52 0.51
C SER B 280 -32.22 -15.34 -0.18
N ALA B 281 -31.43 -14.56 -0.91
CA ALA B 281 -32.02 -13.55 -1.77
C ALA B 281 -33.06 -14.13 -2.78
N ASP B 282 -32.67 -15.18 -3.50
CA ASP B 282 -33.58 -15.90 -4.38
C ASP B 282 -34.85 -16.31 -3.68
N GLU B 283 -34.75 -16.88 -2.50
CA GLU B 283 -35.95 -17.29 -1.82
C GLU B 283 -36.93 -16.14 -1.52
N ILE B 284 -36.40 -14.96 -1.24
CA ILE B 284 -37.23 -13.80 -0.99
C ILE B 284 -37.90 -13.36 -2.29
N ARG B 285 -37.14 -13.29 -3.36
CA ARG B 285 -37.74 -12.93 -4.64
C ARG B 285 -38.73 -13.92 -5.26
N GLU B 286 -38.32 -15.17 -5.20
CA GLU B 286 -39.11 -16.29 -5.70
C GLU B 286 -40.06 -17.11 -4.81
N VAL B 287 -39.59 -17.54 -3.64
CA VAL B 287 -40.50 -18.24 -2.73
C VAL B 287 -41.40 -17.09 -2.07
N PHE B 288 -41.31 -15.83 -2.48
CA PHE B 288 -42.19 -14.89 -1.80
C PHE B 288 -42.77 -13.69 -2.56
N SER B 289 -42.73 -13.71 -3.88
CA SER B 289 -43.35 -12.62 -4.76
C SER B 289 -44.76 -12.09 -4.34
N ASP B 290 -45.56 -12.91 -3.69
CA ASP B 290 -46.83 -12.41 -3.23
C ASP B 290 -46.60 -11.62 -1.94
N PHE B 291 -45.50 -10.89 -1.94
CA PHE B 291 -45.06 -9.94 -0.88
C PHE B 291 -44.15 -8.98 -1.62
N PRO B 292 -44.71 -8.10 -2.41
CA PRO B 292 -43.81 -7.64 -3.48
C PRO B 292 -43.00 -6.45 -3.01
N ASP B 293 -43.13 -6.09 -1.75
CA ASP B 293 -42.46 -4.89 -1.28
C ASP B 293 -41.17 -5.15 -0.47
N LEU B 294 -40.90 -6.41 -0.18
CA LEU B 294 -39.62 -6.76 0.38
C LEU B 294 -38.49 -6.38 -0.56
N GLU B 295 -37.48 -5.69 -0.03
CA GLU B 295 -36.19 -5.55 -0.74
C GLU B 295 -35.07 -6.19 0.04
N VAL B 296 -34.02 -6.52 -0.69
CA VAL B 296 -32.83 -7.12 -0.14
C VAL B 296 -31.86 -5.99 0.14
N CYS B 297 -31.51 -5.79 1.41
CA CYS B 297 -30.58 -4.71 1.73
C CYS B 297 -29.16 -5.23 1.81
N VAL B 298 -28.97 -6.33 2.56
CA VAL B 298 -27.65 -6.95 2.72
C VAL B 298 -27.69 -8.42 2.30
N TYR B 299 -26.82 -8.82 1.36
CA TYR B 299 -26.67 -10.27 1.10
C TYR B 299 -25.69 -10.76 2.16
N ALA B 300 -26.24 -11.29 3.25
CA ALA B 300 -25.43 -11.51 4.45
C ALA B 300 -24.70 -12.84 4.43
N ALA B 301 -25.40 -13.87 3.92
CA ALA B 301 -24.91 -15.27 3.80
C ALA B 301 -25.73 -15.97 2.70
N PRO B 302 -25.34 -17.21 2.31
CA PRO B 302 -26.02 -17.67 1.10
C PRO B 302 -27.46 -17.94 1.42
N THR B 303 -27.76 -18.27 2.66
CA THR B 303 -29.11 -18.52 3.09
C THR B 303 -29.64 -17.46 4.09
N GLN B 304 -28.98 -16.30 4.18
CA GLN B 304 -29.40 -15.23 5.11
C GLN B 304 -29.38 -13.83 4.54
N THR B 305 -30.50 -13.15 4.74
CA THR B 305 -30.65 -11.86 4.12
C THR B 305 -31.11 -10.83 5.15
N VAL B 306 -30.53 -9.64 5.04
CA VAL B 306 -31.11 -8.45 5.66
C VAL B 306 -32.06 -7.90 4.62
N ILE B 307 -33.34 -7.87 5.00
CA ILE B 307 -34.39 -7.27 4.17
C ILE B 307 -35.02 -6.03 4.77
N GLY B 308 -35.61 -5.25 3.88
CA GLY B 308 -36.52 -4.16 4.26
C GLY B 308 -37.86 -4.37 3.61
N GLY B 309 -38.93 -3.92 4.29
CA GLY B 309 -40.27 -3.92 3.74
C GLY B 309 -41.32 -3.35 4.69
N PRO B 310 -42.59 -3.31 4.24
CA PRO B 310 -43.69 -2.79 5.07
C PRO B 310 -43.89 -3.68 6.28
N PRO B 311 -44.35 -3.13 7.41
CA PRO B 311 -44.54 -3.95 8.61
C PRO B 311 -45.16 -5.35 8.42
N GLU B 312 -46.25 -5.44 7.67
CA GLU B 312 -47.07 -6.65 7.74
C GLU B 312 -46.41 -7.71 6.87
N GLN B 313 -45.77 -7.28 5.77
CA GLN B 313 -44.93 -8.21 4.99
C GLN B 313 -43.71 -8.75 5.79
N VAL B 314 -43.01 -7.87 6.50
CA VAL B 314 -41.83 -8.28 7.22
C VAL B 314 -42.28 -9.23 8.32
N ASP B 315 -43.37 -8.85 8.99
CA ASP B 315 -44.00 -9.68 10.02
C ASP B 315 -44.39 -11.07 9.53
N ALA B 316 -44.96 -11.14 8.32
CA ALA B 316 -45.31 -12.44 7.72
C ALA B 316 -44.11 -13.29 7.44
N ILE B 317 -43.13 -12.71 6.75
CA ILE B 317 -41.93 -13.41 6.42
C ILE B 317 -41.30 -13.99 7.66
N LEU B 318 -41.37 -13.28 8.78
CA LEU B 318 -40.81 -13.76 10.04
C LEU B 318 -41.63 -14.88 10.60
N ALA B 319 -42.96 -14.82 10.43
CA ALA B 319 -43.87 -15.90 10.82
C ALA B 319 -43.58 -17.20 10.06
N ARG B 320 -43.48 -17.07 8.74
CA ARG B 320 -43.18 -18.20 7.91
C ARG B 320 -41.90 -18.83 8.47
N ALA B 321 -40.86 -18.00 8.68
CA ALA B 321 -39.61 -18.46 9.23
C ALA B 321 -39.77 -19.22 10.54
N GLU B 322 -40.51 -18.68 11.52
CA GLU B 322 -40.79 -19.44 12.76
C GLU B 322 -41.37 -20.80 12.35
N ALA B 323 -42.35 -20.80 11.46
CA ALA B 323 -42.98 -22.04 10.96
C ALA B 323 -42.00 -23.09 10.39
N GLU B 324 -40.98 -22.68 9.65
CA GLU B 324 -40.02 -23.67 9.13
C GLU B 324 -38.78 -23.73 10.02
N GLY B 325 -38.92 -23.21 11.24
CA GLY B 325 -37.86 -23.20 12.27
C GLY B 325 -36.57 -22.49 11.90
N LYS B 326 -36.68 -21.50 11.00
CA LYS B 326 -35.55 -20.70 10.53
C LYS B 326 -35.31 -19.45 11.40
N PHE B 327 -34.10 -18.91 11.35
CA PHE B 327 -33.81 -17.72 12.12
C PHE B 327 -34.47 -16.45 11.55
N ALA B 328 -34.85 -15.55 12.45
CA ALA B 328 -35.47 -14.30 12.10
C ALA B 328 -35.43 -13.30 13.26
N ARG B 329 -34.85 -12.11 13.04
CA ARG B 329 -34.94 -11.00 14.03
C ARG B 329 -35.24 -9.71 13.31
N LYS B 330 -36.30 -9.01 13.73
CA LYS B 330 -36.62 -7.65 13.21
C LYS B 330 -36.06 -6.54 14.11
N PHE B 331 -36.28 -5.27 13.71
CA PHE B 331 -35.79 -4.07 14.44
C PHE B 331 -36.57 -2.82 14.02
N ALA B 332 -36.82 -1.94 15.01
CA ALA B 332 -37.64 -0.75 14.79
C ALA B 332 -36.82 0.26 13.97
N THR B 333 -37.24 0.41 12.72
CA THR B 333 -36.79 1.48 11.88
C THR B 333 -38.07 1.81 11.12
N LYS B 334 -38.10 2.97 10.47
CA LYS B 334 -39.21 3.40 9.56
C LYS B 334 -38.54 3.49 8.22
N GLY B 335 -37.21 3.46 8.29
CA GLY B 335 -36.33 3.64 7.15
C GLY B 335 -35.57 2.34 6.85
N ALA B 336 -35.29 2.15 5.58
CA ALA B 336 -34.53 1.00 5.15
C ALA B 336 -33.34 1.56 4.42
N SER B 337 -32.18 1.47 5.05
CA SER B 337 -30.92 1.77 4.42
C SER B 337 -30.77 0.81 3.26
N HIS B 338 -29.95 1.20 2.26
CA HIS B 338 -29.80 0.33 1.06
C HIS B 338 -31.03 0.17 0.19
N THR B 339 -31.92 1.16 0.24
CA THR B 339 -33.12 1.18 -0.65
C THR B 339 -33.34 2.62 -1.12
N SER B 340 -34.30 2.85 -2.03
CA SER B 340 -34.68 4.23 -2.52
C SER B 340 -35.12 5.17 -1.41
N GLN B 341 -35.60 4.63 -0.31
CA GLN B 341 -35.89 5.44 0.86
C GLN B 341 -34.71 6.33 1.32
N MET B 342 -33.52 6.06 0.80
CA MET B 342 -32.32 6.86 1.11
C MET B 342 -32.07 8.01 0.15
N ASP B 343 -32.71 7.95 -1.02
CA ASP B 343 -32.62 9.01 -2.05
C ASP B 343 -32.71 10.46 -1.53
N PRO B 344 -33.69 10.78 -0.69
CA PRO B 344 -33.76 12.17 -0.24
C PRO B 344 -32.62 12.54 0.68
N LEU B 345 -31.73 11.64 1.04
CA LEU B 345 -30.67 12.03 1.95
C LEU B 345 -29.40 12.29 1.17
N LEU B 346 -29.34 11.91 -0.09
CA LEU B 346 -28.03 11.87 -0.71
C LEU B 346 -27.46 13.22 -0.98
N GLY B 347 -28.35 14.20 -1.17
CA GLY B 347 -27.96 15.60 -1.36
C GLY B 347 -27.21 16.13 -0.13
N GLU B 348 -27.84 16.11 1.06
CA GLU B 348 -27.16 16.58 2.25
C GLU B 348 -25.83 15.79 2.55
N LEU B 349 -25.89 14.44 2.48
CA LEU B 349 -24.70 13.56 2.61
C LEU B 349 -23.50 14.06 1.81
N THR B 350 -23.77 14.40 0.56
CA THR B 350 -22.82 15.03 -0.32
C THR B 350 -22.34 16.36 0.21
N ALA B 351 -23.27 17.18 0.68
CA ALA B 351 -22.83 18.50 1.16
C ALA B 351 -21.94 18.34 2.38
N GLU B 352 -22.41 17.54 3.32
CA GLU B 352 -21.78 17.42 4.60
C GLU B 352 -20.39 16.77 4.51
N LEU B 353 -20.13 16.03 3.44
CA LEU B 353 -18.91 15.29 3.38
C LEU B 353 -17.78 15.98 2.62
N GLN B 354 -18.02 17.15 2.02
CA GLN B 354 -17.01 17.77 1.14
C GLN B 354 -15.77 18.05 1.95
N GLY B 355 -14.62 17.91 1.30
CA GLY B 355 -13.32 17.91 2.01
C GLY B 355 -12.97 16.84 3.06
N ILE B 356 -13.55 15.64 2.98
CA ILE B 356 -12.93 14.52 3.69
C ILE B 356 -11.75 14.22 2.78
N LYS B 357 -10.69 13.56 3.27
CA LYS B 357 -9.53 13.27 2.37
C LYS B 357 -9.18 11.77 2.18
N PRO B 358 -9.70 11.15 1.10
CA PRO B 358 -9.45 9.71 0.92
C PRO B 358 -7.98 9.40 0.85
N THR B 359 -7.51 8.47 1.66
CA THR B 359 -6.10 8.09 1.52
C THR B 359 -5.96 6.73 0.83
N SER B 360 -4.78 6.51 0.25
CA SER B 360 -4.46 5.24 -0.27
C SER B 360 -4.54 4.16 0.80
N PRO B 361 -5.35 3.13 0.55
CA PRO B 361 -5.50 2.01 1.49
C PRO B 361 -4.18 1.28 1.82
N THR B 362 -3.92 1.07 3.10
CA THR B 362 -2.70 0.41 3.51
C THR B 362 -2.94 -1.11 3.80
N CYS B 363 -4.16 -1.62 3.74
CA CYS B 363 -4.36 -3.07 3.69
C CYS B 363 -5.44 -3.38 2.66
N GLY B 364 -5.79 -4.64 2.48
CA GLY B 364 -6.65 -4.97 1.36
C GLY B 364 -8.04 -4.66 1.86
N ILE B 365 -8.97 -4.48 0.91
CA ILE B 365 -10.40 -4.25 1.22
C ILE B 365 -11.27 -5.19 0.41
N PHE B 366 -12.14 -5.93 1.08
CA PHE B 366 -13.15 -6.63 0.35
C PHE B 366 -14.33 -5.69 0.39
N SER B 367 -14.45 -4.90 -0.69
CA SER B 367 -15.47 -3.81 -0.71
C SER B 367 -16.91 -4.28 -1.03
N THR B 368 -17.74 -4.34 0.02
CA THR B 368 -19.11 -4.79 -0.14
C THR B 368 -20.04 -3.73 -0.75
N VAL B 369 -19.51 -2.53 -0.95
CA VAL B 369 -20.12 -1.46 -1.71
C VAL B 369 -19.93 -1.76 -3.17
N HIS B 370 -18.67 -1.93 -3.58
CA HIS B 370 -18.38 -2.32 -4.94
C HIS B 370 -18.47 -3.79 -5.14
N GLU B 371 -19.62 -4.36 -4.75
CA GLU B 371 -20.06 -5.69 -5.17
C GLU B 371 -19.23 -6.86 -4.61
N GLY B 372 -18.38 -6.58 -3.62
CA GLY B 372 -17.66 -7.63 -2.91
C GLY B 372 -16.22 -7.71 -3.36
N ARG B 373 -15.83 -6.91 -4.36
CA ARG B 373 -14.54 -7.05 -5.01
C ARG B 373 -13.33 -6.72 -4.12
N TYR B 374 -12.23 -7.40 -4.42
CA TYR B 374 -10.99 -7.14 -3.75
C TYR B 374 -10.30 -5.91 -4.28
N ILE B 375 -9.94 -5.01 -3.39
CA ILE B 375 -9.03 -3.94 -3.74
C ILE B 375 -7.70 -4.12 -3.03
N LYS B 376 -6.64 -4.29 -3.83
CA LYS B 376 -5.26 -4.44 -3.37
C LYS B 376 -4.85 -3.15 -2.63
N PRO B 377 -4.05 -3.26 -1.56
CA PRO B 377 -3.57 -2.03 -0.90
C PRO B 377 -2.71 -1.11 -1.83
N GLY B 378 -2.54 0.14 -1.45
CA GLY B 378 -1.62 1.04 -2.12
C GLY B 378 -1.92 1.63 -3.47
N GLY B 379 -3.11 1.42 -4.01
CA GLY B 379 -3.52 2.08 -5.28
C GLY B 379 -4.22 3.42 -5.00
N GLU B 380 -5.00 3.92 -5.98
CA GLU B 380 -5.84 5.14 -5.88
C GLU B 380 -6.87 5.07 -4.71
N PRO B 381 -7.00 6.13 -3.88
CA PRO B 381 -7.99 6.12 -2.73
C PRO B 381 -9.35 5.78 -3.23
N ILE B 382 -10.17 5.09 -2.45
CA ILE B 382 -11.51 4.78 -2.94
C ILE B 382 -12.64 5.34 -2.07
N HIS B 383 -12.30 5.87 -0.91
CA HIS B 383 -13.29 6.25 0.04
C HIS B 383 -13.74 7.65 -0.13
N ASP B 384 -14.02 8.05 -1.34
CA ASP B 384 -14.49 9.44 -1.59
C ASP B 384 -15.97 9.59 -1.30
N VAL B 385 -16.47 10.80 -1.49
CA VAL B 385 -17.89 11.12 -1.31
C VAL B 385 -18.86 10.14 -1.98
N GLU B 386 -18.63 9.85 -3.26
CA GLU B 386 -19.49 8.93 -4.05
C GLU B 386 -19.56 7.55 -3.41
N TYR B 387 -18.43 7.08 -2.90
CA TYR B 387 -18.35 5.86 -2.14
C TYR B 387 -19.36 5.82 -1.00
N TRP B 388 -19.42 6.83 -0.12
CA TRP B 388 -20.40 6.82 1.02
C TRP B 388 -21.86 6.92 0.59
N LYS B 389 -22.10 7.62 -0.52
CA LYS B 389 -23.41 7.71 -1.15
C LYS B 389 -23.83 6.34 -1.63
N LYS B 390 -23.00 5.75 -2.49
CA LYS B 390 -23.28 4.41 -3.02
C LYS B 390 -23.50 3.41 -1.90
N GLY B 391 -22.65 3.46 -0.89
CA GLY B 391 -22.74 2.48 0.16
C GLY B 391 -24.05 2.53 0.87
N LEU B 392 -24.47 3.75 1.14
CA LEU B 392 -25.72 3.97 1.88
C LEU B 392 -26.93 3.55 1.07
N ARG B 393 -26.88 3.88 -0.22
CA ARG B 393 -28.04 3.75 -1.14
C ARG B 393 -28.26 2.34 -1.66
N HIS B 394 -27.14 1.74 -2.05
CA HIS B 394 -27.14 0.47 -2.76
C HIS B 394 -26.85 -0.67 -1.85
N SER B 395 -27.25 -1.86 -2.31
CA SER B 395 -27.09 -3.11 -1.56
C SER B 395 -25.67 -3.37 -1.07
N VAL B 396 -25.60 -4.19 -0.04
CA VAL B 396 -24.33 -4.58 0.57
C VAL B 396 -23.99 -6.02 0.21
N TYR B 397 -22.95 -6.19 -0.59
CA TYR B 397 -22.61 -7.51 -1.12
C TYR B 397 -21.65 -8.25 -0.14
N PHE B 398 -22.20 -8.64 0.99
CA PHE B 398 -21.42 -9.20 2.09
C PHE B 398 -21.01 -10.69 1.90
N THR B 399 -21.92 -11.62 1.58
CA THR B 399 -21.47 -12.97 1.30
C THR B 399 -20.46 -12.92 0.20
N HIS B 400 -20.67 -12.06 -0.77
CA HIS B 400 -19.79 -11.95 -1.92
C HIS B 400 -18.41 -11.68 -1.50
N GLY B 401 -18.25 -10.69 -0.61
CA GLY B 401 -16.92 -10.28 -0.17
C GLY B 401 -16.24 -11.38 0.65
N ILE B 402 -16.97 -12.01 1.54
CA ILE B 402 -16.46 -13.13 2.33
C ILE B 402 -16.04 -14.31 1.41
N ARG B 403 -16.89 -14.71 0.46
CA ARG B 403 -16.51 -15.71 -0.58
C ARG B 403 -15.24 -15.30 -1.35
N ASN B 404 -15.08 -14.05 -1.77
CA ASN B 404 -13.81 -13.68 -2.41
C ASN B 404 -12.63 -13.80 -1.43
N ALA B 405 -12.87 -13.49 -0.15
CA ALA B 405 -11.75 -13.59 0.77
C ALA B 405 -11.36 -15.05 0.99
N VAL B 406 -12.35 -15.94 1.11
CA VAL B 406 -11.99 -17.36 1.24
C VAL B 406 -11.27 -17.80 -0.06
N ASP B 407 -11.87 -17.52 -1.22
CA ASP B 407 -11.26 -17.91 -2.50
C ASP B 407 -9.86 -17.38 -2.69
N SER B 408 -9.49 -16.28 -2.06
CA SER B 408 -8.11 -15.84 -2.20
C SER B 408 -7.17 -16.33 -1.06
N GLY B 409 -7.65 -17.21 -0.20
CA GLY B 409 -6.82 -17.83 0.82
C GLY B 409 -6.94 -17.35 2.28
N HIS B 410 -7.90 -16.45 2.58
CA HIS B 410 -8.14 -16.01 3.98
C HIS B 410 -8.86 -17.07 4.70
N THR B 411 -8.43 -17.38 5.90
CA THR B 411 -9.14 -18.36 6.72
C THR B 411 -9.44 -17.74 8.08
N THR B 412 -8.70 -16.73 8.50
CA THR B 412 -9.02 -16.10 9.81
C THR B 412 -9.97 -14.84 9.64
N PHE B 413 -11.13 -14.85 10.33
CA PHE B 413 -12.07 -13.70 10.29
C PHE B 413 -12.33 -13.30 11.69
N LEU B 414 -11.99 -12.04 11.95
CA LEU B 414 -12.10 -11.50 13.32
C LEU B 414 -13.08 -10.31 13.25
N GLU B 415 -14.15 -10.38 14.02
CA GLU B 415 -15.11 -9.28 14.02
C GLU B 415 -14.91 -8.27 15.20
N LEU B 416 -14.73 -7.00 14.86
CA LEU B 416 -14.75 -5.92 15.86
C LEU B 416 -16.21 -5.63 16.11
N ALA B 417 -16.79 -5.97 17.27
CA ALA B 417 -18.24 -5.73 17.44
C ALA B 417 -18.62 -5.84 18.89
N PRO B 418 -19.74 -5.19 19.31
CA PRO B 418 -20.28 -5.40 20.68
C PRO B 418 -20.96 -6.71 20.80
N ASN B 419 -21.32 -7.32 19.67
CA ASN B 419 -21.99 -8.63 19.69
C ASN B 419 -21.61 -9.24 18.33
N PRO B 420 -21.35 -10.54 18.30
CA PRO B 420 -20.85 -11.20 17.09
C PRO B 420 -21.89 -11.65 16.06
N VAL B 421 -22.97 -10.90 15.89
CA VAL B 421 -23.93 -11.25 14.81
C VAL B 421 -23.37 -11.52 13.40
N ALA B 422 -22.54 -10.63 12.92
CA ALA B 422 -22.01 -10.79 11.59
C ALA B 422 -21.05 -12.01 11.49
N LEU B 423 -20.32 -12.29 12.57
CA LEU B 423 -19.44 -13.48 12.56
C LEU B 423 -20.19 -14.78 12.22
N MET B 424 -21.37 -14.97 12.76
CA MET B 424 -22.28 -16.07 12.40
C MET B 424 -22.66 -16.09 10.93
N GLN B 425 -22.85 -14.94 10.32
CA GLN B 425 -23.07 -14.97 8.91
C GLN B 425 -21.80 -15.36 8.17
N VAL B 426 -20.64 -14.94 8.69
CA VAL B 426 -19.37 -15.29 8.06
C VAL B 426 -19.24 -16.84 8.11
N ALA B 427 -19.54 -17.44 9.26
CA ALA B 427 -19.51 -18.91 9.37
C ALA B 427 -20.32 -19.65 8.30
N LEU B 428 -21.55 -19.18 7.99
CA LEU B 428 -22.31 -19.73 6.86
C LEU B 428 -21.63 -19.63 5.55
N THR B 429 -21.04 -18.49 5.24
CA THR B 429 -20.36 -18.43 3.97
C THR B 429 -19.09 -19.27 3.85
N THR B 430 -18.27 -19.33 4.90
CA THR B 430 -17.10 -20.20 4.83
C THR B 430 -17.51 -21.66 4.61
N ALA B 431 -18.41 -22.19 5.43
CA ALA B 431 -18.89 -23.56 5.23
C ALA B 431 -19.34 -23.81 3.78
N ASP B 432 -20.21 -22.93 3.30
CA ASP B 432 -20.72 -23.02 1.94
C ASP B 432 -19.59 -22.92 0.93
N ALA B 433 -18.50 -22.23 1.20
CA ALA B 433 -17.47 -22.21 0.18
C ALA B 433 -16.48 -23.36 0.43
N GLY B 434 -16.86 -24.29 1.31
CA GLY B 434 -15.97 -25.42 1.60
C GLY B 434 -14.70 -25.18 2.43
N LEU B 435 -14.64 -24.08 3.21
CA LEU B 435 -13.64 -23.92 4.23
C LEU B 435 -14.36 -24.30 5.50
N HIS B 436 -14.14 -25.51 6.03
CA HIS B 436 -14.92 -25.98 7.20
C HIS B 436 -14.20 -25.80 8.47
N ASP B 437 -13.00 -25.29 8.40
CA ASP B 437 -12.25 -25.11 9.65
C ASP B 437 -11.68 -23.66 9.75
N ALA B 438 -12.53 -22.67 9.45
CA ALA B 438 -12.13 -21.27 9.39
C ALA B 438 -11.84 -20.87 10.80
N GLN B 439 -10.91 -19.94 11.03
CA GLN B 439 -10.77 -19.39 12.41
C GLN B 439 -11.70 -18.19 12.55
N LEU B 440 -12.75 -18.37 13.33
CA LEU B 440 -13.72 -17.28 13.42
C LEU B 440 -13.58 -16.68 14.81
N ILE B 441 -13.06 -15.46 14.86
CA ILE B 441 -12.65 -14.85 16.13
C ILE B 441 -13.56 -13.66 16.54
N PRO B 442 -14.55 -13.85 17.48
CA PRO B 442 -15.32 -12.70 17.92
C PRO B 442 -14.62 -11.84 19.00
N THR B 443 -15.21 -10.69 19.33
CA THR B 443 -14.61 -9.82 20.33
C THR B 443 -15.69 -9.81 21.40
N LEU B 444 -16.38 -8.67 21.63
CA LEU B 444 -17.36 -8.67 22.72
C LEU B 444 -18.64 -9.41 22.38
N ALA B 445 -19.34 -9.81 23.45
CA ALA B 445 -20.65 -10.47 23.34
C ALA B 445 -21.55 -10.07 24.49
N ARG B 446 -22.82 -9.86 24.17
CA ARG B 446 -23.83 -9.63 25.19
C ARG B 446 -23.75 -10.83 26.12
N LYS B 447 -23.87 -10.60 27.42
CA LYS B 447 -23.94 -11.74 28.36
C LYS B 447 -22.59 -12.47 28.58
N GLN B 448 -21.47 -11.90 28.09
CA GLN B 448 -20.12 -12.47 28.34
C GLN B 448 -19.23 -11.39 28.92
N ASP B 449 -18.39 -11.75 29.87
CA ASP B 449 -17.45 -10.80 30.43
C ASP B 449 -16.55 -10.25 29.34
N GLU B 450 -16.49 -8.92 29.27
CA GLU B 450 -15.82 -8.28 28.14
C GLU B 450 -14.30 -8.34 28.18
N VAL B 451 -13.74 -8.39 29.39
CA VAL B 451 -12.32 -8.45 29.59
C VAL B 451 -11.86 -9.80 29.12
N SER B 452 -12.53 -10.81 29.61
CA SER B 452 -12.11 -12.12 29.34
C SER B 452 -12.42 -12.46 27.88
N SER B 453 -13.48 -11.84 27.28
CA SER B 453 -13.70 -12.09 25.84
C SER B 453 -12.49 -11.61 25.13
N MET B 454 -11.95 -10.43 25.48
CA MET B 454 -10.88 -9.88 24.67
C MET B 454 -9.54 -10.72 24.82
N VAL B 455 -9.37 -11.35 25.96
CA VAL B 455 -8.25 -12.25 26.21
C VAL B 455 -8.36 -13.41 25.19
N SER B 456 -9.54 -14.09 25.11
CA SER B 456 -9.74 -15.14 24.08
C SER B 456 -9.39 -14.68 22.69
N THR B 457 -9.93 -13.54 22.27
CA THR B 457 -9.70 -13.03 20.97
C THR B 457 -8.16 -13.02 20.80
N MET B 458 -7.45 -12.55 21.83
CA MET B 458 -6.01 -12.32 21.62
C MET B 458 -5.26 -13.64 21.62
N ALA B 459 -5.74 -14.58 22.43
CA ALA B 459 -5.26 -15.94 22.44
C ALA B 459 -5.40 -16.61 21.07
N GLN B 460 -6.55 -16.50 20.43
CA GLN B 460 -6.74 -17.06 19.13
C GLN B 460 -5.75 -16.47 18.17
N LEU B 461 -5.60 -15.16 18.13
CA LEU B 461 -4.73 -14.55 17.14
C LEU B 461 -3.33 -15.18 17.32
N TYR B 462 -2.82 -15.12 18.53
CA TYR B 462 -1.56 -15.75 18.85
C TYR B 462 -1.48 -17.19 18.39
N VAL B 463 -2.43 -18.02 18.76
CA VAL B 463 -2.31 -19.42 18.39
C VAL B 463 -2.12 -19.62 16.86
N TYR B 464 -2.85 -18.86 16.03
CA TYR B 464 -2.84 -19.18 14.60
C TYR B 464 -1.65 -18.55 13.95
N GLY B 465 -0.76 -18.01 14.78
CA GLY B 465 0.43 -17.34 14.28
C GLY B 465 0.28 -15.89 13.76
N HIS B 466 -0.85 -15.23 13.92
CA HIS B 466 -0.92 -13.79 13.52
C HIS B 466 -0.18 -12.90 14.46
N ASP B 467 0.23 -11.72 14.00
CA ASP B 467 0.87 -10.72 14.87
C ASP B 467 0.08 -10.56 16.15
N LEU B 468 0.79 -10.62 17.28
CA LEU B 468 0.16 -10.57 18.59
C LEU B 468 1.28 -10.91 19.55
N ASP B 469 1.71 -9.91 20.31
CA ASP B 469 2.75 -10.12 21.26
C ASP B 469 2.12 -10.58 22.52
N ILE B 470 2.15 -11.90 22.72
CA ILE B 470 1.43 -12.43 23.85
C ILE B 470 2.05 -11.94 25.18
N ARG B 471 3.22 -11.32 25.16
CA ARG B 471 3.77 -10.83 26.44
C ARG B 471 2.96 -9.66 27.03
N THR B 472 2.35 -8.88 26.13
CA THR B 472 1.55 -7.71 26.52
C THR B 472 0.23 -8.14 27.21
N LEU B 473 0.00 -9.43 27.37
CA LEU B 473 -1.20 -9.82 28.12
C LEU B 473 -0.91 -9.96 29.60
N PHE B 474 0.33 -9.66 30.03
CA PHE B 474 0.64 -9.72 31.47
C PHE B 474 1.25 -8.40 31.83
N SER B 475 1.04 -7.92 33.05
CA SER B 475 1.78 -6.71 33.47
C SER B 475 3.26 -7.09 33.54
N ARG B 476 4.15 -6.13 33.29
CA ARG B 476 5.58 -6.36 33.43
C ARG B 476 5.96 -6.78 34.86
N ALA B 477 6.75 -7.85 34.97
CA ALA B 477 7.21 -8.38 36.28
C ALA B 477 7.79 -7.29 37.25
N SER B 478 7.38 -7.34 38.50
CA SER B 478 7.81 -6.35 39.48
C SER B 478 8.86 -6.99 40.41
N GLY B 479 9.02 -8.31 40.30
CA GLY B 479 9.95 -9.12 41.10
C GLY B 479 9.88 -10.62 40.78
N PRO B 480 10.79 -11.41 41.36
CA PRO B 480 10.83 -12.84 41.03
C PRO B 480 9.50 -13.48 41.33
N GLN B 481 8.67 -12.87 42.20
CA GLN B 481 7.38 -13.46 42.60
C GLN B 481 6.47 -13.42 41.39
N ASP B 482 6.79 -12.59 40.40
CA ASP B 482 5.91 -12.48 39.26
C ASP B 482 6.14 -13.56 38.21
N TYR B 483 7.06 -14.51 38.48
CA TYR B 483 7.38 -15.57 37.50
C TYR B 483 7.22 -16.93 38.12
N ALA B 484 6.40 -17.80 37.59
CA ALA B 484 6.41 -19.10 38.26
C ALA B 484 7.67 -19.86 37.80
N ASN B 485 8.19 -20.76 38.63
CA ASN B 485 9.37 -21.50 38.18
C ASN B 485 8.93 -22.73 37.44
N ILE B 486 8.52 -22.55 36.22
CA ILE B 486 7.97 -23.66 35.41
C ILE B 486 9.19 -24.48 34.96
N PRO B 487 8.97 -25.78 34.68
CA PRO B 487 10.11 -26.64 34.26
C PRO B 487 10.51 -26.24 32.82
N PRO B 488 11.82 -26.09 32.52
CA PRO B 488 12.24 -25.96 31.10
C PRO B 488 11.95 -27.29 30.36
N THR B 489 11.93 -27.28 29.04
CA THR B 489 11.81 -28.57 28.32
C THR B 489 13.23 -28.92 27.87
N ARG B 490 13.63 -30.19 28.04
CA ARG B 490 14.88 -30.63 27.39
C ARG B 490 14.68 -31.18 25.97
N PHE B 491 13.63 -30.71 25.29
CA PHE B 491 13.55 -30.72 23.82
C PHE B 491 13.52 -29.31 23.20
N SER C 1 -30.80 -21.81 16.47
CA SER C 1 -30.01 -22.87 17.17
C SER C 1 -28.53 -22.51 17.59
N ASP C 2 -27.86 -21.57 16.91
CA ASP C 2 -26.42 -21.30 17.19
C ASP C 2 -26.08 -20.06 18.00
N LYS C 3 -25.03 -20.16 18.83
CA LYS C 3 -24.51 -19.03 19.65
C LYS C 3 -22.99 -19.04 19.90
N GLU C 4 -22.50 -18.08 20.67
CA GLU C 4 -21.10 -17.94 20.98
C GLU C 4 -20.85 -18.18 22.48
N ASN C 5 -19.80 -18.91 22.90
CA ASN C 5 -19.56 -19.07 24.39
C ASN C 5 -18.56 -18.07 25.04
N PHE C 6 -18.16 -18.25 26.32
CA PHE C 6 -17.13 -17.28 26.79
C PHE C 6 -15.78 -17.25 26.14
N TRP C 7 -15.51 -18.19 25.24
CA TRP C 7 -14.18 -18.23 24.66
C TRP C 7 -14.27 -17.84 23.28
N GLY C 8 -15.48 -17.44 22.89
CA GLY C 8 -15.75 -17.11 21.53
C GLY C 8 -15.93 -18.24 20.53
N MET C 9 -16.28 -19.47 20.91
CA MET C 9 -16.66 -20.41 19.82
C MET C 9 -18.14 -20.51 19.47
N ALA C 10 -18.44 -21.04 18.28
CA ALA C 10 -19.80 -21.26 17.83
C ALA C 10 -20.30 -22.56 18.46
N VAL C 11 -21.43 -22.48 19.17
CA VAL C 11 -21.99 -23.62 19.94
C VAL C 11 -23.46 -23.93 19.55
N ALA C 12 -23.87 -25.22 19.53
CA ALA C 12 -25.24 -25.71 19.10
C ALA C 12 -26.26 -25.80 20.23
N LYS D 3 3.93 3.79 -7.13
CA LYS D 3 3.25 3.53 -8.45
C LYS D 3 3.26 4.70 -9.48
N GLU D 4 4.38 4.88 -10.21
CA GLU D 4 4.50 5.92 -11.27
C GLU D 4 3.75 5.53 -12.60
N ASN D 5 2.67 6.25 -12.96
CA ASN D 5 1.64 5.85 -14.02
C ASN D 5 1.90 6.13 -15.54
N PHE D 6 0.92 5.79 -16.40
CA PHE D 6 0.83 6.05 -17.88
C PHE D 6 1.67 7.19 -18.50
N TRP D 7 1.73 8.33 -17.81
CA TRP D 7 2.34 9.57 -18.36
C TRP D 7 3.37 10.24 -17.47
N GLY D 8 4.01 9.49 -16.57
CA GLY D 8 5.09 10.02 -15.72
C GLY D 8 4.67 10.60 -14.38
N MET D 9 3.85 9.85 -13.64
CA MET D 9 3.25 10.37 -12.42
C MET D 9 3.53 9.51 -11.17
N ALA D 10 4.32 10.04 -10.22
CA ALA D 10 4.49 9.42 -8.90
C ALA D 10 3.13 9.38 -8.15
N VAL D 11 2.78 8.22 -7.56
CA VAL D 11 1.41 7.90 -7.09
C VAL D 11 1.24 6.55 -6.35
C1 GOL E . 28.14 -13.52 -20.17
O1 GOL E . 28.83 -14.17 -19.07
C2 GOL E . 29.20 -12.71 -20.89
O2 GOL E . 29.80 -11.85 -19.91
C3 GOL E . 28.80 -11.87 -22.11
O3 GOL E . 27.56 -12.17 -22.71
C1 GOL F . 16.99 -8.17 -7.40
O1 GOL F . 15.65 -8.47 -6.94
C2 GOL F . 17.20 -6.67 -7.62
O2 GOL F . 15.93 -5.99 -7.58
C3 GOL F . 17.89 -6.46 -8.98
O3 GOL F . 19.30 -6.24 -8.85
C1 GOL G . 0.13 -11.59 10.65
O1 GOL G . -0.91 -10.70 11.20
C2 GOL G . -0.27 -12.61 9.54
O2 GOL G . -0.82 -13.82 10.08
C3 GOL G . 0.87 -13.00 8.56
O3 GOL G . 0.81 -14.36 8.07
C1 GOL H . -28.22 12.30 21.72
O1 GOL H . -28.84 11.82 22.96
C2 GOL H . -29.35 12.41 20.73
O2 GOL H . -30.10 11.18 20.77
C3 GOL H . -29.02 12.60 19.23
O3 GOL H . -30.27 12.29 18.58
S SO4 I . -28.16 -12.23 21.36
O1 SO4 I . -29.21 -13.25 21.68
O2 SO4 I . -27.71 -12.41 19.95
O3 SO4 I . -28.68 -10.84 21.57
O4 SO4 I . -26.99 -12.37 22.26
S SO4 J . 12.28 -1.47 28.64
O1 SO4 J . 12.44 -0.92 27.26
O2 SO4 J . 11.29 -0.59 29.36
O3 SO4 J . 11.92 -2.91 28.48
O4 SO4 J . 13.53 -1.44 29.43
S SO4 K . 11.65 -7.05 22.02
O1 SO4 K . 11.44 -8.28 21.23
O2 SO4 K . 13.08 -6.57 21.87
O3 SO4 K . 10.63 -6.03 21.68
O4 SO4 K . 11.42 -7.43 23.44
S SO4 L . -21.22 -20.03 28.12
O1 SO4 L . -21.73 -21.42 28.01
O2 SO4 L . -19.76 -20.03 27.79
O3 SO4 L . -22.00 -19.16 27.19
O4 SO4 L . -21.32 -19.56 29.55
#